data_8V37
#
_entry.id   8V37
#
_cell.length_a   76.784
_cell.length_b   88.348
_cell.length_c   134.110
_cell.angle_alpha   90.000
_cell.angle_beta   90.000
_cell.angle_gamma   90.000
#
_symmetry.space_group_name_H-M   'P 21 21 21'
#
loop_
_entity.id
_entity.type
_entity.pdbx_description
1 polymer 'Sulfopropanediol 3-dehydrogenase'
2 non-polymer NICOTINAMIDE-ADENINE-DINUCLEOTIDE
3 non-polymer 'ZINC ION'
4 water water
#
_entity_poly.entity_id   1
_entity_poly.type   'polypeptide(L)'
_entity_poly.pdbx_seq_one_letter_code
;GMISYLKKAEKTPQTETATAQKVVTEMLAEIQARGKDAVRQYAKQLDGWSGDIVLTPDQIREQTKDVPAGVRADIDFAIR
QVTDFALAQRESLKEFSVELHPGVTAGQRVLPVNVVGCYAPAGRYAHIASAYMGVATAKAAGVKTVVACSSPFRGQGIHP
HVLYAFQAAGADVIMALGGVQAIASMAYGLFTGKPADVVVGPGNKFVAEAKRSLYGQVGIDVFAGPSEVAVIADETADPA
IVASDLVGQAEHGHESPAWLFTTSRDLADRVMALVPELIAKLPPTARDAATAAWRDYGEVILCGTREEVVEISDRYASEH
LEVHTADLDWWLANLTCYGSLFLGEETTVAFGAKTSGPNHVLPTKGAARYSGGLSVHKFMKTLTWQQMTREATRQIGQVT
ARISRLEGMEAHARTADDRMAKYFPNASFEMGTPVEV
;
_entity_poly.pdbx_strand_id   A,B
#
# COMPACT_ATOMS: atom_id res chain seq x y z
N MET A 2 -33.17 13.12 -2.23
CA MET A 2 -33.52 14.35 -1.46
C MET A 2 -32.27 15.20 -1.21
N ILE A 3 -31.24 15.04 -2.05
CA ILE A 3 -29.98 15.76 -1.86
C ILE A 3 -30.12 17.13 -2.52
N SER A 4 -29.57 18.15 -1.85
CA SER A 4 -29.76 19.54 -2.23
C SER A 4 -28.52 20.34 -1.86
N TYR A 5 -27.88 20.95 -2.87
CA TYR A 5 -26.70 21.78 -2.68
C TYR A 5 -27.13 23.19 -2.32
N LEU A 6 -27.10 23.51 -1.03
CA LEU A 6 -27.44 24.84 -0.55
C LEU A 6 -26.29 25.81 -0.79
N LYS A 7 -25.05 25.28 -0.82
CA LYS A 7 -23.92 26.04 -1.30
C LYS A 7 -23.05 25.13 -2.17
N LYS A 8 -22.73 25.60 -3.38
CA LYS A 8 -21.95 24.82 -4.33
C LYS A 8 -20.52 25.34 -4.40
N ALA A 9 -19.60 24.45 -4.78
CA ALA A 9 -18.23 24.84 -5.06
C ALA A 9 -18.19 25.65 -6.35
N GLU A 10 -17.58 26.84 -6.28
CA GLU A 10 -17.54 27.78 -7.39
C GLU A 10 -16.17 27.75 -8.06
N LYS A 11 -15.56 26.56 -8.10
CA LYS A 11 -14.26 26.35 -8.71
C LYS A 11 -13.99 24.84 -8.77
N THR A 12 -12.92 24.47 -9.48
CA THR A 12 -12.48 23.08 -9.56
C THR A 12 -11.00 23.01 -9.16
N PRO A 13 -10.53 21.87 -8.58
CA PRO A 13 -9.13 21.72 -8.21
C PRO A 13 -8.19 21.78 -9.43
N GLU A 16 -3.21 21.91 -13.33
CA GLU A 16 -2.51 20.68 -12.86
C GLU A 16 -1.32 20.37 -13.79
N THR A 17 -0.59 21.41 -14.20
CA THR A 17 0.46 21.29 -15.19
C THR A 17 1.68 20.62 -14.57
N ALA A 18 2.34 19.75 -15.37
CA ALA A 18 3.54 19.05 -14.96
C ALA A 18 4.76 19.72 -15.57
N THR A 19 5.04 20.95 -15.13
CA THR A 19 6.34 21.56 -15.27
C THR A 19 7.27 21.01 -14.18
N ALA A 20 6.64 20.44 -13.14
CA ALA A 20 7.33 19.71 -12.09
C ALA A 20 8.11 18.54 -12.67
N GLN A 21 7.52 17.86 -13.67
CA GLN A 21 8.15 16.70 -14.30
C GLN A 21 9.51 17.09 -14.85
N LYS A 22 9.56 18.20 -15.61
CA LYS A 22 10.80 18.68 -16.22
C LYS A 22 11.88 18.82 -15.15
N VAL A 23 11.59 19.64 -14.14
CA VAL A 23 12.57 20.06 -13.15
C VAL A 23 13.12 18.85 -12.42
N VAL A 24 12.23 17.97 -11.96
CA VAL A 24 12.62 16.80 -11.19
C VAL A 24 13.51 15.89 -12.05
N THR A 25 13.08 15.61 -13.28
CA THR A 25 13.84 14.71 -14.16
C THR A 25 15.25 15.24 -14.34
N GLU A 26 15.35 16.55 -14.57
CA GLU A 26 16.64 17.21 -14.74
C GLU A 26 17.44 17.10 -13.44
N MET A 27 16.79 17.43 -12.31
CA MET A 27 17.47 17.54 -11.02
C MET A 27 17.96 16.17 -10.56
N LEU A 28 17.10 15.15 -10.68
CA LEU A 28 17.47 13.79 -10.32
C LEU A 28 18.62 13.30 -11.22
N ALA A 29 18.49 13.52 -12.53
CA ALA A 29 19.55 13.19 -13.48
C ALA A 29 20.87 13.77 -13.02
N GLU A 30 20.85 15.05 -12.62
CA GLU A 30 22.05 15.76 -12.21
C GLU A 30 22.60 15.18 -10.90
N ILE A 31 21.72 14.88 -9.95
CA ILE A 31 22.13 14.46 -8.62
C ILE A 31 22.68 13.03 -8.68
N GLN A 32 22.15 12.21 -9.59
CA GLN A 32 22.68 10.87 -9.81
C GLN A 32 24.13 10.94 -10.29
N ALA A 33 24.42 11.91 -11.16
CA ALA A 33 25.75 12.06 -11.74
C ALA A 33 26.76 12.51 -10.68
N ARG A 34 26.51 13.66 -10.04
CA ARG A 34 27.54 14.34 -9.25
C ARG A 34 27.29 14.22 -7.75
N GLY A 35 26.14 13.70 -7.34
CA GLY A 35 25.94 13.30 -5.96
C GLY A 35 25.80 14.50 -5.02
N LYS A 36 26.65 14.52 -3.98
CA LYS A 36 26.52 15.48 -2.89
C LYS A 36 26.82 16.90 -3.37
N ASP A 37 27.70 17.02 -4.37
CA ASP A 37 28.14 18.32 -4.86
C ASP A 37 27.00 18.98 -5.62
N ALA A 38 26.18 18.19 -6.32
CA ALA A 38 25.05 18.71 -7.05
C ALA A 38 23.95 19.16 -6.08
N VAL A 39 23.80 18.42 -4.98
CA VAL A 39 22.85 18.76 -3.92
C VAL A 39 23.28 20.09 -3.31
N ARG A 40 24.55 20.15 -2.89
CA ARG A 40 25.11 21.31 -2.22
C ARG A 40 25.00 22.54 -3.12
N GLN A 41 25.15 22.34 -4.44
CA GLN A 41 25.06 23.43 -5.40
C GLN A 41 23.62 23.89 -5.56
N TYR A 42 22.67 22.94 -5.53
CA TYR A 42 21.26 23.27 -5.66
C TYR A 42 20.79 24.06 -4.43
N ALA A 43 21.30 23.68 -3.25
CA ALA A 43 20.98 24.40 -2.03
C ALA A 43 21.39 25.87 -2.16
N LYS A 44 22.52 26.11 -2.82
CA LYS A 44 23.05 27.46 -2.99
C LYS A 44 22.21 28.24 -4.01
N GLN A 45 21.89 27.61 -5.14
CA GLN A 45 21.19 28.29 -6.22
C GLN A 45 19.73 28.58 -5.85
N LEU A 46 19.08 27.64 -5.15
CA LEU A 46 17.65 27.71 -4.89
C LEU A 46 17.36 28.47 -3.60
N ASP A 47 18.16 28.21 -2.55
CA ASP A 47 17.89 28.69 -1.20
C ASP A 47 18.96 29.68 -0.72
N GLY A 48 20.06 29.82 -1.48
CA GLY A 48 21.16 30.69 -1.08
C GLY A 48 21.95 30.15 0.11
N TRP A 49 21.88 28.83 0.33
CA TRP A 49 22.45 28.19 1.51
C TRP A 49 23.88 27.75 1.23
N SER A 50 24.77 27.97 2.21
CA SER A 50 26.19 27.66 2.06
C SER A 50 26.77 26.91 3.25
N GLY A 51 25.96 26.64 4.27
CA GLY A 51 26.45 26.06 5.52
C GLY A 51 26.58 24.54 5.45
N ASP A 52 26.66 23.92 6.64
CA ASP A 52 26.67 22.46 6.76
C ASP A 52 25.29 21.91 6.42
N ILE A 53 25.26 20.62 6.06
CA ILE A 53 24.04 19.93 5.67
C ILE A 53 23.57 19.06 6.84
N VAL A 54 24.42 18.11 7.25
CA VAL A 54 24.11 17.20 8.33
C VAL A 54 24.39 17.90 9.67
N LEU A 55 23.35 18.04 10.51
CA LEU A 55 23.52 18.67 11.80
C LEU A 55 24.20 17.70 12.76
N THR A 56 24.98 18.28 13.70
CA THR A 56 25.59 17.54 14.79
C THR A 56 24.73 17.73 16.03
N PRO A 57 24.80 16.85 17.05
CA PRO A 57 24.07 17.04 18.30
C PRO A 57 24.28 18.43 18.93
N ASP A 58 25.49 18.98 18.75
CA ASP A 58 25.83 20.29 19.26
C ASP A 58 24.99 21.36 18.57
N GLN A 59 24.93 21.29 17.23
CA GLN A 59 24.20 22.25 16.42
C GLN A 59 22.69 22.19 16.70
N ILE A 60 22.19 20.99 17.02
CA ILE A 60 20.77 20.79 17.28
C ILE A 60 20.39 21.49 18.59
N ARG A 61 21.21 21.31 19.62
CA ARG A 61 21.00 21.96 20.91
C ARG A 61 21.20 23.47 20.78
N GLU A 62 22.25 23.85 20.04
CA GLU A 62 22.60 25.25 19.81
C GLU A 62 21.41 25.99 19.21
N GLN A 63 20.78 25.40 18.19
CA GLN A 63 19.80 26.10 17.38
C GLN A 63 18.40 26.03 18.00
N THR A 64 18.20 25.16 19.01
CA THR A 64 16.92 25.06 19.70
C THR A 64 16.99 25.63 21.12
N LYS A 65 18.11 26.28 21.45
CA LYS A 65 18.38 26.72 22.82
C LYS A 65 17.39 27.80 23.24
N ASP A 66 16.90 28.59 22.27
CA ASP A 66 16.02 29.72 22.54
C ASP A 66 14.55 29.33 22.37
N VAL A 67 14.26 28.02 22.37
CA VAL A 67 12.89 27.54 22.42
C VAL A 67 12.55 27.32 23.90
N PRO A 68 11.68 28.17 24.49
CA PRO A 68 11.44 28.13 25.94
C PRO A 68 10.76 26.84 26.41
N ALA A 69 10.93 26.55 27.71
CA ALA A 69 10.52 25.28 28.29
C ALA A 69 9.05 25.00 28.02
N GLY A 70 8.21 26.03 28.11
CA GLY A 70 6.78 25.90 27.96
C GLY A 70 6.38 25.48 26.54
N VAL A 71 7.10 26.00 25.54
CA VAL A 71 6.83 25.69 24.14
C VAL A 71 7.25 24.25 23.86
N ARG A 72 8.38 23.84 24.45
CA ARG A 72 8.87 22.48 24.30
C ARG A 72 7.85 21.49 24.86
N ALA A 73 7.34 21.78 26.07
CA ALA A 73 6.44 20.87 26.75
C ALA A 73 5.19 20.63 25.91
N ASP A 74 4.69 21.70 25.27
CA ASP A 74 3.51 21.62 24.43
C ASP A 74 3.78 20.71 23.22
N ILE A 75 4.94 20.88 22.58
CA ILE A 75 5.32 20.07 21.43
C ILE A 75 5.52 18.62 21.88
N ASP A 76 6.21 18.42 23.01
CA ASP A 76 6.44 17.10 23.59
C ASP A 76 5.10 16.37 23.78
N PHE A 77 4.11 17.09 24.34
CA PHE A 77 2.79 16.55 24.60
C PHE A 77 2.12 16.10 23.30
N ALA A 78 2.15 16.98 22.29
CA ALA A 78 1.50 16.73 21.01
C ALA A 78 2.14 15.53 20.30
N ILE A 79 3.46 15.37 20.44
CA ILE A 79 4.18 14.28 19.81
C ILE A 79 3.79 12.97 20.49
N ARG A 80 3.63 13.01 21.82
CA ARG A 80 3.35 11.81 22.58
C ARG A 80 1.99 11.22 22.19
N GLN A 81 1.03 12.08 21.83
CA GLN A 81 -0.29 11.63 21.44
C GLN A 81 -0.18 10.79 20.16
N VAL A 82 0.65 11.26 19.21
CA VAL A 82 0.87 10.53 17.97
C VAL A 82 1.56 9.20 18.29
N THR A 83 2.69 9.27 19.01
CA THR A 83 3.45 8.09 19.41
C THR A 83 2.52 7.05 20.03
N ASP A 84 1.67 7.48 20.95
CA ASP A 84 0.87 6.54 21.74
C ASP A 84 -0.11 5.81 20.82
N PHE A 85 -0.74 6.53 19.89
CA PHE A 85 -1.64 5.86 18.94
C PHE A 85 -0.84 4.93 18.04
N ALA A 86 0.34 5.40 17.60
CA ALA A 86 1.14 4.67 16.62
C ALA A 86 1.59 3.33 17.18
N LEU A 87 2.01 3.32 18.46
CA LEU A 87 2.44 2.11 19.13
C LEU A 87 1.29 1.12 19.24
N ALA A 88 0.08 1.61 19.55
CA ALA A 88 -1.10 0.77 19.62
C ALA A 88 -1.40 0.17 18.24
N GLN A 89 -1.30 1.01 17.21
CA GLN A 89 -1.62 0.60 15.86
C GLN A 89 -0.61 -0.43 15.36
N ARG A 90 0.64 -0.35 15.84
CA ARG A 90 1.66 -1.32 15.47
C ARG A 90 1.30 -2.70 16.02
N GLU A 91 0.70 -2.75 17.21
CA GLU A 91 0.38 -4.01 17.85
C GLU A 91 -0.78 -4.71 17.14
N SER A 92 -1.48 -4.02 16.24
CA SER A 92 -2.69 -4.53 15.63
C SER A 92 -2.39 -5.42 14.42
N LEU A 93 -1.15 -5.42 13.94
CA LEU A 93 -0.73 -6.30 12.86
C LEU A 93 0.16 -7.39 13.43
N LYS A 94 -0.36 -8.63 13.45
CA LYS A 94 0.22 -9.71 14.22
C LYS A 94 1.03 -10.62 13.30
N GLU A 95 2.07 -11.22 13.87
CA GLU A 95 2.70 -12.39 13.29
C GLU A 95 1.91 -13.62 13.71
N PHE A 96 1.93 -14.66 12.86
CA PHE A 96 1.29 -15.91 13.19
C PHE A 96 1.90 -17.03 12.37
N SER A 97 1.61 -18.25 12.81
CA SER A 97 1.76 -19.43 11.98
C SER A 97 0.45 -20.19 12.00
N VAL A 98 0.21 -21.00 10.95
CA VAL A 98 -1.00 -21.79 10.83
C VAL A 98 -0.63 -23.14 10.21
N GLU A 99 -1.27 -24.22 10.67
CA GLU A 99 -1.21 -25.51 10.00
C GLU A 99 -2.24 -25.52 8.87
N LEU A 100 -1.80 -25.89 7.66
CA LEU A 100 -2.70 -26.09 6.54
C LEU A 100 -2.94 -27.59 6.38
N HIS A 101 -2.73 -28.14 5.16
CA HIS A 101 -2.72 -29.58 5.00
C HIS A 101 -1.79 -30.17 6.07
N PRO A 102 -2.17 -31.26 6.76
CA PRO A 102 -1.32 -31.80 7.84
C PRO A 102 0.14 -31.95 7.42
N GLY A 103 1.03 -31.40 8.26
CA GLY A 103 2.46 -31.38 8.01
C GLY A 103 2.92 -30.12 7.28
N VAL A 104 1.98 -29.28 6.81
CA VAL A 104 2.33 -27.98 6.23
C VAL A 104 2.17 -26.90 7.29
N THR A 105 3.23 -26.08 7.44
CA THR A 105 3.19 -24.88 8.27
C THR A 105 3.42 -23.67 7.39
N ALA A 106 2.64 -22.61 7.62
CA ALA A 106 2.75 -21.35 6.90
C ALA A 106 2.55 -20.21 7.88
N GLY A 107 2.98 -19.01 7.50
CA GLY A 107 3.00 -17.93 8.47
C GLY A 107 3.34 -16.59 7.85
N GLN A 108 3.19 -15.56 8.68
CA GLN A 108 3.41 -14.18 8.32
C GLN A 108 4.44 -13.59 9.28
N ARG A 109 5.52 -13.04 8.72
CA ARG A 109 6.43 -12.20 9.48
C ARG A 109 6.04 -10.74 9.27
N VAL A 110 6.14 -9.95 10.35
CA VAL A 110 5.89 -8.52 10.32
C VAL A 110 7.15 -7.83 10.81
N LEU A 111 7.73 -6.98 9.96
CA LEU A 111 8.91 -6.24 10.39
C LEU A 111 8.93 -4.87 9.72
N PRO A 112 9.54 -3.86 10.38
CA PRO A 112 9.67 -2.52 9.79
C PRO A 112 10.68 -2.47 8.65
N VAL A 113 10.51 -1.47 7.78
CA VAL A 113 11.52 -1.10 6.80
C VAL A 113 12.72 -0.54 7.55
N ASN A 114 13.89 -0.48 6.88
CA ASN A 114 15.14 -0.13 7.51
C ASN A 114 15.24 1.38 7.72
N VAL A 115 14.95 2.12 6.66
CA VAL A 115 15.24 3.54 6.60
C VAL A 115 14.00 4.25 6.08
N VAL A 116 13.59 5.31 6.79
CA VAL A 116 12.54 6.20 6.34
C VAL A 116 13.09 7.62 6.32
N GLY A 117 12.85 8.31 5.20
CA GLY A 117 13.11 9.74 5.10
C GLY A 117 11.83 10.53 5.35
N CYS A 118 11.92 11.58 6.17
CA CYS A 118 10.78 12.46 6.46
C CYS A 118 11.13 13.88 6.04
N TYR A 119 10.25 14.50 5.26
CA TYR A 119 10.43 15.87 4.84
C TYR A 119 9.39 16.75 5.52
N ALA A 120 9.80 17.97 5.88
CA ALA A 120 8.91 18.94 6.54
C ALA A 120 9.02 20.27 5.80
N PRO A 121 7.92 20.76 5.20
CA PRO A 121 7.97 21.98 4.38
C PRO A 121 8.43 23.19 5.18
N ALA A 122 7.98 23.27 6.44
CA ALA A 122 8.46 24.25 7.39
C ALA A 122 8.37 25.68 6.84
N GLY A 123 7.41 25.92 5.95
CA GLY A 123 7.14 27.26 5.46
C GLY A 123 6.52 28.11 6.57
N ARG A 124 5.80 29.16 6.19
CA ARG A 124 5.29 30.11 7.16
C ARG A 124 3.96 29.59 7.71
N TYR A 125 3.12 29.02 6.84
CA TYR A 125 1.75 28.65 7.20
C TYR A 125 1.60 27.14 7.35
N ALA A 126 2.65 26.45 7.81
CA ALA A 126 2.60 25.00 8.01
C ALA A 126 2.37 24.70 9.49
N HIS A 127 1.81 23.51 9.78
CA HIS A 127 1.67 23.02 11.14
C HIS A 127 2.98 22.37 11.58
N ILE A 128 3.31 22.53 12.87
CA ILE A 128 4.45 21.87 13.47
C ILE A 128 4.26 20.35 13.42
N ALA A 129 3.00 19.89 13.38
CA ALA A 129 2.69 18.47 13.27
C ALA A 129 3.29 17.87 12.00
N SER A 130 3.41 18.66 10.94
CA SER A 130 4.00 18.20 9.69
C SER A 130 5.45 17.77 9.88
N ALA A 131 6.14 18.35 10.87
CA ALA A 131 7.52 18.00 11.15
C ALA A 131 7.63 16.69 11.94
N TYR A 132 6.71 16.44 12.88
CA TYR A 132 6.91 15.34 13.82
C TYR A 132 6.09 14.09 13.45
N MET A 133 5.05 14.21 12.62
CA MET A 133 4.14 13.09 12.44
C MET A 133 4.84 11.94 11.72
N GLY A 134 5.51 12.25 10.60
CA GLY A 134 6.33 11.28 9.89
C GLY A 134 7.37 10.61 10.79
N VAL A 135 8.16 11.42 11.50
CA VAL A 135 9.28 10.91 12.27
C VAL A 135 8.77 10.05 13.42
N ALA A 136 7.75 10.54 14.14
CA ALA A 136 7.23 9.88 15.32
C ALA A 136 6.61 8.53 14.94
N THR A 137 5.89 8.51 13.81
CA THR A 137 5.22 7.31 13.34
C THR A 137 6.26 6.26 12.90
N ALA A 138 7.30 6.71 12.20
CA ALA A 138 8.36 5.81 11.75
C ALA A 138 9.05 5.15 12.95
N LYS A 139 9.34 5.93 14.00
CA LYS A 139 10.01 5.39 15.17
C LYS A 139 9.10 4.41 15.91
N ALA A 140 7.81 4.76 16.03
CA ALA A 140 6.84 3.89 16.68
C ALA A 140 6.74 2.55 15.93
N ALA A 141 6.92 2.59 14.61
CA ALA A 141 6.84 1.40 13.78
C ALA A 141 8.03 0.48 13.99
N GLY A 142 9.10 1.02 14.62
CA GLY A 142 10.32 0.27 14.87
C GLY A 142 11.34 0.43 13.74
N VAL A 143 11.17 1.46 12.89
CA VAL A 143 12.15 1.82 11.89
C VAL A 143 13.43 2.24 12.61
N LYS A 144 14.56 1.66 12.20
CA LYS A 144 15.81 1.80 12.94
C LYS A 144 16.49 3.12 12.57
N THR A 145 16.41 3.52 11.30
CA THR A 145 16.99 4.76 10.83
C THR A 145 15.93 5.70 10.26
N VAL A 146 15.71 6.84 10.92
CA VAL A 146 14.84 7.88 10.39
C VAL A 146 15.67 9.13 10.07
N VAL A 147 15.62 9.56 8.81
CA VAL A 147 16.32 10.75 8.34
C VAL A 147 15.29 11.84 8.08
N ALA A 148 15.51 13.02 8.67
CA ALA A 148 14.57 14.14 8.60
C ALA A 148 15.23 15.34 7.93
N CYS A 149 14.50 15.95 6.98
CA CYS A 149 14.98 17.10 6.24
C CYS A 149 13.98 18.24 6.30
N SER A 150 14.49 19.47 6.39
CA SER A 150 13.69 20.67 6.25
C SER A 150 14.56 21.79 5.69
N SER A 151 14.02 22.55 4.73
CA SER A 151 14.79 23.63 4.12
C SER A 151 15.11 24.66 5.20
N PRO A 152 16.32 25.28 5.16
CA PRO A 152 16.70 26.25 6.18
C PRO A 152 15.78 27.46 6.15
N PHE A 153 15.48 28.02 7.33
CA PHE A 153 14.42 28.99 7.47
C PHE A 153 14.88 30.37 6.98
N ARG A 154 15.82 30.99 7.70
CA ARG A 154 16.24 32.35 7.38
C ARG A 154 17.76 32.48 7.55
N GLY A 155 18.51 31.57 6.92
CA GLY A 155 19.96 31.67 6.89
C GLY A 155 20.62 31.06 8.13
N GLN A 156 19.85 30.86 9.21
CA GLN A 156 20.40 30.37 10.47
C GLN A 156 20.42 28.85 10.47
N GLY A 157 19.43 28.24 9.80
CA GLY A 157 19.28 26.81 9.76
C GLY A 157 17.80 26.41 9.72
N ILE A 158 17.51 25.16 10.08
CA ILE A 158 16.15 24.66 10.15
C ILE A 158 15.39 25.50 11.17
N HIS A 159 14.15 25.86 10.83
CA HIS A 159 13.27 26.58 11.74
C HIS A 159 13.33 25.90 13.11
N PRO A 160 13.64 26.62 14.20
CA PRO A 160 13.93 26.00 15.49
C PRO A 160 12.82 25.13 16.08
N HIS A 161 11.57 25.49 15.80
CA HIS A 161 10.42 24.70 16.23
C HIS A 161 10.40 23.39 15.45
N VAL A 162 10.70 23.45 14.15
CA VAL A 162 10.74 22.26 13.31
C VAL A 162 11.90 21.37 13.76
N LEU A 163 13.04 22.00 14.08
CA LEU A 163 14.22 21.26 14.48
C LEU A 163 13.99 20.58 15.82
N TYR A 164 13.34 21.30 16.75
CA TYR A 164 13.05 20.73 18.06
C TYR A 164 12.11 19.53 17.89
N ALA A 165 11.11 19.67 17.00
CA ALA A 165 10.15 18.61 16.73
C ALA A 165 10.85 17.37 16.18
N PHE A 166 11.75 17.57 15.20
CA PHE A 166 12.53 16.48 14.64
C PHE A 166 13.25 15.72 15.75
N GLN A 167 13.91 16.46 16.65
CA GLN A 167 14.74 15.88 17.70
C GLN A 167 13.89 15.10 18.70
N ALA A 168 12.80 15.73 19.16
CA ALA A 168 11.95 15.18 20.21
C ALA A 168 11.15 13.99 19.67
N ALA A 169 10.86 14.00 18.37
CA ALA A 169 10.14 12.91 17.74
C ALA A 169 11.04 11.69 17.58
N GLY A 170 12.36 11.90 17.54
CA GLY A 170 13.32 10.82 17.60
C GLY A 170 14.07 10.60 16.28
N ALA A 171 14.16 11.64 15.44
CA ALA A 171 14.95 11.55 14.22
C ALA A 171 16.38 11.16 14.56
N ASP A 172 16.98 10.30 13.72
CA ASP A 172 18.32 9.78 13.94
C ASP A 172 19.33 10.68 13.24
N VAL A 173 18.99 11.15 12.04
CA VAL A 173 19.82 12.07 11.28
C VAL A 173 18.93 13.25 10.85
N ILE A 174 19.43 14.48 11.04
CA ILE A 174 18.74 15.68 10.61
C ILE A 174 19.60 16.43 9.59
N MET A 175 18.97 16.94 8.54
CA MET A 175 19.67 17.57 7.43
C MET A 175 18.95 18.84 7.00
N ALA A 176 19.71 19.91 6.80
CA ALA A 176 19.17 21.18 6.35
C ALA A 176 19.16 21.19 4.82
N LEU A 177 18.14 20.55 4.25
CA LEU A 177 17.93 20.49 2.81
C LEU A 177 16.45 20.73 2.51
N GLY A 178 16.18 21.41 1.39
CA GLY A 178 14.83 21.66 0.94
C GLY A 178 14.53 20.94 -0.37
N GLY A 179 13.24 20.93 -0.73
CA GLY A 179 12.78 20.61 -2.08
C GLY A 179 13.25 19.26 -2.60
N VAL A 180 13.48 19.20 -3.91
CA VAL A 180 13.78 17.96 -4.62
C VAL A 180 15.10 17.40 -4.09
N GLN A 181 16.07 18.28 -3.83
CA GLN A 181 17.42 17.86 -3.48
C GLN A 181 17.45 17.18 -2.11
N ALA A 182 16.46 17.49 -1.25
CA ALA A 182 16.29 16.80 0.02
C ALA A 182 15.70 15.41 -0.22
N ILE A 183 14.69 15.34 -1.09
CA ILE A 183 14.00 14.08 -1.37
C ILE A 183 15.00 13.09 -1.98
N ALA A 184 15.75 13.56 -2.98
CA ALA A 184 16.72 12.73 -3.69
C ALA A 184 17.83 12.28 -2.75
N SER A 185 18.34 13.22 -1.92
CA SER A 185 19.42 12.90 -0.99
C SER A 185 19.00 11.75 -0.09
N MET A 186 17.78 11.82 0.43
CA MET A 186 17.26 10.80 1.33
C MET A 186 17.07 9.48 0.57
N ALA A 187 16.62 9.57 -0.69
CA ALA A 187 16.33 8.39 -1.51
C ALA A 187 17.61 7.66 -1.91
N TYR A 188 18.67 8.40 -2.22
CA TYR A 188 19.93 7.82 -2.67
C TYR A 188 20.83 7.50 -1.48
N GLY A 189 20.51 8.04 -0.30
CA GLY A 189 21.34 7.85 0.88
C GLY A 189 22.60 8.72 0.85
N LEU A 190 22.51 9.89 0.20
CA LEU A 190 23.60 10.85 0.20
C LEU A 190 23.79 11.37 1.62
N PHE A 191 25.06 11.57 2.00
CA PHE A 191 25.45 12.17 3.27
C PHE A 191 25.36 11.16 4.42
N THR A 192 24.64 10.05 4.22
CA THR A 192 24.36 9.10 5.30
C THR A 192 24.84 7.69 4.93
N GLY A 193 24.78 7.35 3.64
CA GLY A 193 25.04 5.99 3.18
C GLY A 193 23.93 5.02 3.57
N LYS A 194 22.70 5.56 3.68
CA LYS A 194 21.54 4.79 4.10
C LYS A 194 20.34 5.20 3.24
N PRO A 195 20.20 4.63 2.03
CA PRO A 195 19.09 4.95 1.13
C PRO A 195 17.73 4.63 1.73
N ALA A 196 16.76 5.53 1.53
CA ALA A 196 15.46 5.44 2.18
C ALA A 196 14.56 4.46 1.44
N ASP A 197 13.89 3.58 2.21
CA ASP A 197 12.93 2.64 1.66
C ASP A 197 11.66 3.38 1.24
N VAL A 198 11.26 4.38 2.03
CA VAL A 198 10.18 5.29 1.65
C VAL A 198 10.53 6.70 2.13
N VAL A 199 9.98 7.70 1.43
CA VAL A 199 10.06 9.08 1.85
C VAL A 199 8.64 9.64 1.96
N VAL A 200 8.38 10.35 3.06
CA VAL A 200 7.08 10.92 3.36
C VAL A 200 7.26 12.41 3.72
N GLY A 201 6.13 13.10 3.79
CA GLY A 201 6.09 14.49 4.23
C GLY A 201 5.47 15.39 3.15
N PRO A 202 4.59 16.35 3.53
CA PRO A 202 3.94 17.22 2.56
C PRO A 202 4.95 18.20 1.95
N GLY A 203 4.53 18.85 0.86
CA GLY A 203 5.39 19.81 0.19
C GLY A 203 4.73 20.35 -1.07
N ASN A 204 5.49 21.14 -1.85
CA ASN A 204 4.99 21.72 -3.09
C ASN A 204 4.95 20.63 -4.16
N LYS A 205 4.59 21.03 -5.37
CA LYS A 205 4.36 20.10 -6.48
C LYS A 205 5.68 19.47 -6.94
N PHE A 206 6.81 20.10 -6.60
CA PHE A 206 8.12 19.57 -6.92
C PHE A 206 8.46 18.42 -5.98
N VAL A 207 8.25 18.63 -4.68
CA VAL A 207 8.45 17.60 -3.67
C VAL A 207 7.55 16.40 -3.98
N ALA A 208 6.31 16.67 -4.36
CA ALA A 208 5.36 15.63 -4.72
C ALA A 208 5.87 14.83 -5.91
N GLU A 209 6.27 15.55 -6.96
CA GLU A 209 6.73 14.93 -8.20
C GLU A 209 8.01 14.13 -7.96
N ALA A 210 8.89 14.66 -7.11
CA ALA A 210 10.14 13.98 -6.78
C ALA A 210 9.86 12.65 -6.06
N LYS A 211 8.87 12.64 -5.16
CA LYS A 211 8.48 11.42 -4.45
C LYS A 211 7.90 10.41 -5.42
N ARG A 212 6.98 10.87 -6.30
CA ARG A 212 6.35 10.02 -7.29
C ARG A 212 7.42 9.38 -8.17
N SER A 213 8.36 10.21 -8.63
CA SER A 213 9.39 9.77 -9.55
C SER A 213 10.28 8.70 -8.92
N LEU A 214 10.56 8.83 -7.62
CA LEU A 214 11.52 7.98 -6.95
C LEU A 214 10.86 6.71 -6.40
N TYR A 215 9.59 6.79 -5.99
CA TYR A 215 8.97 5.72 -5.25
C TYR A 215 7.68 5.22 -5.91
N GLY A 216 7.14 5.96 -6.89
CA GLY A 216 5.92 5.57 -7.56
C GLY A 216 4.70 5.70 -6.64
N GLN A 217 4.01 4.58 -6.40
CA GLN A 217 2.74 4.56 -5.70
C GLN A 217 2.93 4.92 -4.23
N VAL A 218 3.94 4.34 -3.57
CA VAL A 218 4.17 4.57 -2.15
C VAL A 218 4.71 5.98 -1.91
N GLY A 219 4.97 6.73 -3.00
CA GLY A 219 5.44 8.09 -2.91
C GLY A 219 4.35 9.14 -3.08
N ILE A 220 3.13 8.71 -3.47
CA ILE A 220 2.04 9.64 -3.74
C ILE A 220 0.78 9.27 -2.95
N ASP A 221 0.83 8.19 -2.16
CA ASP A 221 -0.39 7.60 -1.63
C ASP A 221 -0.85 8.29 -0.36
N VAL A 222 -0.13 9.33 0.09
CA VAL A 222 -0.49 10.08 1.29
C VAL A 222 -1.23 11.35 0.88
N PHE A 223 -2.15 11.80 1.75
CA PHE A 223 -2.94 12.99 1.47
C PHE A 223 -2.03 14.19 1.21
N ALA A 224 -2.19 14.77 0.01
CA ALA A 224 -1.51 15.99 -0.38
C ALA A 224 -2.57 16.99 -0.84
N GLY A 225 -2.12 18.21 -1.17
CA GLY A 225 -3.03 19.29 -1.52
C GLY A 225 -3.49 20.05 -0.27
N PRO A 226 -4.37 21.06 -0.43
CA PRO A 226 -4.73 21.94 0.69
C PRO A 226 -5.51 21.18 1.78
N SER A 227 -5.41 21.68 3.02
CA SER A 227 -6.08 21.08 4.17
C SER A 227 -7.60 21.15 3.97
N GLU A 228 -8.29 20.03 4.27
CA GLU A 228 -9.73 19.93 4.15
C GLU A 228 -10.38 19.83 5.52
N VAL A 229 -11.70 20.01 5.55
CA VAL A 229 -12.48 19.66 6.72
C VAL A 229 -13.93 19.40 6.28
N ALA A 230 -14.48 18.28 6.75
CA ALA A 230 -15.89 17.98 6.59
C ALA A 230 -16.53 17.81 7.96
N VAL A 231 -17.80 18.23 8.08
CA VAL A 231 -18.59 18.03 9.28
C VAL A 231 -19.90 17.37 8.87
N ILE A 232 -20.21 16.24 9.52
CA ILE A 232 -21.54 15.65 9.47
C ILE A 232 -22.28 16.09 10.74
N ALA A 233 -23.46 16.69 10.56
CA ALA A 233 -24.19 17.30 11.66
C ALA A 233 -25.68 17.03 11.51
N ASP A 234 -26.34 16.69 12.62
CA ASP A 234 -27.78 16.53 12.64
C ASP A 234 -28.38 17.70 13.43
N GLU A 235 -29.68 17.60 13.72
CA GLU A 235 -30.44 18.63 14.43
C GLU A 235 -29.87 18.90 15.82
N THR A 236 -29.12 17.95 16.40
CA THR A 236 -28.59 18.08 17.75
C THR A 236 -27.26 18.84 17.77
N ALA A 237 -26.69 19.13 16.60
CA ALA A 237 -25.39 19.80 16.54
C ALA A 237 -25.53 21.27 16.92
N ASP A 238 -24.43 21.82 17.44
CA ASP A 238 -24.35 23.23 17.78
C ASP A 238 -23.79 23.99 16.58
N PRO A 239 -24.57 24.88 15.92
CA PRO A 239 -24.12 25.56 14.70
C PRO A 239 -22.90 26.47 14.88
N ALA A 240 -22.75 27.03 16.09
CA ALA A 240 -21.63 27.91 16.38
C ALA A 240 -20.31 27.15 16.36
N ILE A 241 -20.35 25.92 16.90
CA ILE A 241 -19.19 25.05 16.94
C ILE A 241 -18.89 24.55 15.53
N VAL A 242 -19.94 24.14 14.81
CA VAL A 242 -19.78 23.60 13.48
C VAL A 242 -19.15 24.66 12.57
N ALA A 243 -19.71 25.87 12.57
CA ALA A 243 -19.20 26.95 11.74
C ALA A 243 -17.74 27.24 12.11
N SER A 244 -17.43 27.18 13.40
CA SER A 244 -16.09 27.48 13.88
C SER A 244 -15.08 26.45 13.36
N ASP A 245 -15.51 25.18 13.30
CA ASP A 245 -14.65 24.09 12.90
C ASP A 245 -14.35 24.19 11.40
N LEU A 246 -15.35 24.57 10.60
CA LEU A 246 -15.18 24.78 9.17
C LEU A 246 -14.20 25.92 8.91
N VAL A 247 -14.38 27.05 9.61
CA VAL A 247 -13.54 28.21 9.43
C VAL A 247 -12.11 27.87 9.86
N GLY A 248 -12.00 26.98 10.86
CA GLY A 248 -10.72 26.51 11.37
C GLY A 248 -9.73 26.16 10.27
N GLN A 249 -10.14 25.31 9.33
CA GLN A 249 -9.22 24.82 8.30
C GLN A 249 -9.26 25.71 7.06
N ALA A 250 -10.27 26.57 6.93
CA ALA A 250 -10.41 27.43 5.77
C ALA A 250 -9.34 28.53 5.77
N GLU A 251 -8.73 28.82 6.92
CA GLU A 251 -7.71 29.85 7.01
C GLU A 251 -6.37 29.36 6.44
N HIS A 252 -6.25 28.07 6.13
CA HIS A 252 -5.00 27.52 5.63
C HIS A 252 -4.57 28.24 4.36
N GLY A 253 -5.55 28.53 3.50
CA GLY A 253 -5.28 29.16 2.22
C GLY A 253 -6.52 29.17 1.32
N HIS A 254 -6.35 29.71 0.12
CA HIS A 254 -7.46 30.07 -0.76
C HIS A 254 -8.13 28.82 -1.34
N GLU A 255 -7.52 27.64 -1.16
CA GLU A 255 -7.97 26.43 -1.81
C GLU A 255 -8.34 25.35 -0.80
N SER A 256 -8.46 25.72 0.49
CA SER A 256 -8.86 24.79 1.54
C SER A 256 -10.36 24.56 1.49
N PRO A 257 -10.84 23.34 1.12
CA PRO A 257 -12.27 23.06 1.09
C PRO A 257 -12.83 22.78 2.49
N ALA A 258 -14.01 23.33 2.78
CA ALA A 258 -14.73 23.05 4.01
C ALA A 258 -16.16 22.61 3.66
N TRP A 259 -16.51 21.38 4.05
CA TRP A 259 -17.79 20.79 3.67
C TRP A 259 -18.65 20.54 4.91
N LEU A 260 -19.96 20.77 4.75
CA LEU A 260 -20.96 20.43 5.75
C LEU A 260 -22.01 19.55 5.08
N PHE A 261 -22.18 18.33 5.62
CA PHE A 261 -23.26 17.44 5.22
C PHE A 261 -24.22 17.32 6.39
N THR A 262 -25.51 17.59 6.17
CA THR A 262 -26.46 17.61 7.26
C THR A 262 -27.85 17.18 6.82
N THR A 263 -28.59 16.60 7.78
CA THR A 263 -29.99 16.25 7.59
C THR A 263 -30.91 17.34 8.12
N SER A 264 -30.33 18.41 8.69
CA SER A 264 -31.09 19.47 9.32
C SER A 264 -30.94 20.77 8.52
N ARG A 265 -32.01 21.12 7.80
CA ARG A 265 -32.11 22.36 7.05
C ARG A 265 -31.83 23.55 7.98
N ASP A 266 -32.35 23.45 9.20
CA ASP A 266 -32.24 24.50 10.20
C ASP A 266 -30.76 24.76 10.51
N LEU A 267 -30.01 23.69 10.77
CA LEU A 267 -28.59 23.82 11.06
C LEU A 267 -27.85 24.40 9.87
N ALA A 268 -28.19 23.92 8.66
CA ALA A 268 -27.54 24.34 7.44
C ALA A 268 -27.63 25.86 7.29
N ASP A 269 -28.83 26.42 7.52
CA ASP A 269 -29.07 27.85 7.36
C ASP A 269 -28.26 28.64 8.39
N ARG A 270 -28.24 28.15 9.63
CA ARG A 270 -27.57 28.86 10.72
C ARG A 270 -26.06 28.87 10.50
N VAL A 271 -25.52 27.76 9.97
CA VAL A 271 -24.08 27.66 9.72
C VAL A 271 -23.72 28.59 8.56
N MET A 272 -24.57 28.60 7.52
CA MET A 272 -24.29 29.40 6.34
C MET A 272 -24.24 30.89 6.68
N ALA A 273 -24.97 31.29 7.73
CA ALA A 273 -25.00 32.68 8.16
C ALA A 273 -23.83 33.01 9.10
N LEU A 274 -23.40 32.04 9.92
CA LEU A 274 -22.40 32.26 10.94
C LEU A 274 -20.99 32.33 10.35
N VAL A 275 -20.74 31.58 9.28
CA VAL A 275 -19.39 31.43 8.75
C VAL A 275 -18.85 32.80 8.32
N PRO A 276 -19.54 33.58 7.44
CA PRO A 276 -19.08 34.92 7.09
C PRO A 276 -18.77 35.82 8.29
N GLU A 277 -19.57 35.70 9.36
CA GLU A 277 -19.42 36.54 10.54
C GLU A 277 -18.12 36.19 11.24
N LEU A 278 -17.82 34.89 11.31
CA LEU A 278 -16.62 34.40 11.98
C LEU A 278 -15.39 34.77 11.18
N ILE A 279 -15.46 34.59 9.85
CA ILE A 279 -14.36 34.94 8.96
C ILE A 279 -14.01 36.41 9.15
N ALA A 280 -15.05 37.26 9.18
CA ALA A 280 -14.88 38.70 9.21
C ALA A 280 -14.14 39.14 10.48
N LYS A 281 -14.24 38.35 11.55
CA LYS A 281 -13.63 38.70 12.83
C LYS A 281 -12.21 38.13 12.97
N LEU A 282 -11.70 37.46 11.93
CA LEU A 282 -10.33 36.96 11.92
C LEU A 282 -9.37 38.12 11.65
N PRO A 283 -8.08 38.03 12.06
CA PRO A 283 -7.05 38.97 11.63
C PRO A 283 -6.84 38.95 10.11
N PRO A 284 -6.14 39.96 9.54
CA PRO A 284 -6.16 40.21 8.09
C PRO A 284 -5.78 39.02 7.23
N THR A 285 -4.62 38.40 7.53
CA THR A 285 -4.11 37.28 6.74
C THR A 285 -5.16 36.17 6.67
N ALA A 286 -5.59 35.72 7.86
CA ALA A 286 -6.55 34.63 8.00
C ALA A 286 -7.89 34.99 7.35
N ARG A 287 -8.35 36.24 7.56
CA ARG A 287 -9.60 36.69 6.97
C ARG A 287 -9.56 36.54 5.45
N ASP A 288 -8.45 36.97 4.84
CA ASP A 288 -8.28 36.93 3.40
C ASP A 288 -8.27 35.47 2.92
N ALA A 289 -7.54 34.61 3.63
CA ALA A 289 -7.44 33.21 3.26
C ALA A 289 -8.82 32.54 3.28
N ALA A 290 -9.53 32.66 4.41
CA ALA A 290 -10.78 31.95 4.64
C ALA A 290 -11.90 32.47 3.75
N THR A 291 -11.89 33.77 3.42
CA THR A 291 -12.95 34.37 2.62
C THR A 291 -13.00 33.73 1.24
N ALA A 292 -11.83 33.62 0.60
CA ALA A 292 -11.72 33.00 -0.71
C ALA A 292 -11.96 31.50 -0.60
N ALA A 293 -11.42 30.89 0.47
CA ALA A 293 -11.56 29.47 0.72
C ALA A 293 -13.03 29.07 0.81
N TRP A 294 -13.81 29.81 1.61
CA TRP A 294 -15.22 29.50 1.78
C TRP A 294 -15.99 29.82 0.51
N ARG A 295 -15.79 31.03 -0.03
CA ARG A 295 -16.49 31.50 -1.22
C ARG A 295 -16.44 30.43 -2.32
N ASP A 296 -15.21 29.97 -2.64
CA ASP A 296 -14.96 29.23 -3.86
C ASP A 296 -15.08 27.72 -3.63
N TYR A 297 -14.72 27.24 -2.43
CA TYR A 297 -14.61 25.81 -2.18
C TYR A 297 -15.50 25.35 -1.04
N GLY A 298 -16.23 26.28 -0.41
CA GLY A 298 -17.17 25.91 0.64
C GLY A 298 -18.40 25.23 0.05
N GLU A 299 -18.83 24.11 0.65
CA GLU A 299 -20.03 23.41 0.21
C GLU A 299 -20.90 23.07 1.42
N VAL A 300 -22.22 23.18 1.23
CA VAL A 300 -23.20 22.77 2.21
C VAL A 300 -24.23 21.90 1.50
N ILE A 301 -24.40 20.67 1.99
CA ILE A 301 -25.25 19.68 1.35
C ILE A 301 -26.29 19.20 2.35
N LEU A 302 -27.56 19.48 2.04
CA LEU A 302 -28.69 19.02 2.84
C LEU A 302 -29.19 17.69 2.26
N CYS A 303 -29.30 16.67 3.13
CA CYS A 303 -29.70 15.34 2.71
C CYS A 303 -30.98 14.93 3.43
N GLY A 304 -31.66 13.92 2.88
CA GLY A 304 -32.86 13.38 3.49
C GLY A 304 -32.53 12.54 4.72
N THR A 305 -31.96 11.35 4.51
CA THR A 305 -31.75 10.38 5.57
C THR A 305 -30.27 10.30 5.91
N ARG A 306 -29.96 9.49 6.93
CA ARG A 306 -28.58 9.26 7.36
C ARG A 306 -27.82 8.56 6.24
N GLU A 307 -28.51 7.64 5.54
CA GLU A 307 -27.91 6.82 4.50
C GLU A 307 -27.41 7.70 3.35
N GLU A 308 -28.15 8.78 3.07
CA GLU A 308 -27.80 9.67 1.97
C GLU A 308 -26.60 10.53 2.34
N VAL A 309 -26.42 10.80 3.63
CA VAL A 309 -25.24 11.52 4.12
C VAL A 309 -24.02 10.61 4.02
N VAL A 310 -24.19 9.33 4.35
CA VAL A 310 -23.13 8.35 4.23
C VAL A 310 -22.69 8.25 2.77
N GLU A 311 -23.67 8.13 1.87
CA GLU A 311 -23.41 8.01 0.45
C GLU A 311 -22.50 9.13 -0.03
N ILE A 312 -22.83 10.37 0.34
CA ILE A 312 -22.15 11.54 -0.22
C ILE A 312 -20.87 11.83 0.55
N SER A 313 -20.78 11.40 1.81
CA SER A 313 -19.56 11.57 2.59
C SER A 313 -18.47 10.65 2.06
N ASP A 314 -18.85 9.40 1.77
CA ASP A 314 -17.94 8.41 1.22
C ASP A 314 -17.44 8.85 -0.15
N ARG A 315 -18.27 9.58 -0.90
CA ARG A 315 -17.90 10.07 -2.21
C ARG A 315 -16.87 11.19 -2.09
N TYR A 316 -17.07 12.11 -1.13
CA TYR A 316 -16.19 13.24 -0.92
C TYR A 316 -14.91 12.80 -0.21
N ALA A 317 -15.03 11.85 0.72
CA ALA A 317 -13.91 11.24 1.43
C ALA A 317 -12.97 12.32 1.98
N SER A 318 -13.46 13.14 2.90
CA SER A 318 -12.64 14.18 3.48
C SER A 318 -11.49 13.57 4.28
N GLU A 319 -10.31 14.20 4.17
CA GLU A 319 -9.15 13.86 4.98
C GLU A 319 -9.52 13.93 6.47
N HIS A 320 -10.33 14.94 6.84
CA HIS A 320 -10.69 15.17 8.22
C HIS A 320 -12.21 15.31 8.34
N LEU A 321 -12.84 14.33 9.01
CA LEU A 321 -14.29 14.25 9.07
C LEU A 321 -14.74 14.29 10.52
N GLU A 322 -15.52 15.32 10.88
CA GLU A 322 -16.15 15.44 12.18
C GLU A 322 -17.59 14.91 12.13
N VAL A 323 -18.03 14.28 13.22
CA VAL A 323 -19.39 13.76 13.32
C VAL A 323 -20.04 14.32 14.58
N HIS A 324 -20.92 15.31 14.41
CA HIS A 324 -21.69 15.90 15.49
C HIS A 324 -23.16 15.49 15.34
N THR A 325 -23.48 14.29 15.83
CA THR A 325 -24.83 13.74 15.73
C THR A 325 -25.17 12.94 16.98
N ALA A 326 -26.44 12.55 17.07
CA ALA A 326 -26.85 11.47 17.97
C ALA A 326 -26.34 10.14 17.41
N ASP A 327 -26.26 9.14 18.27
CA ASP A 327 -26.06 7.76 17.84
C ASP A 327 -24.73 7.63 17.08
N LEU A 328 -23.63 8.01 17.74
CA LEU A 328 -22.32 8.04 17.10
C LEU A 328 -21.88 6.64 16.67
N ASP A 329 -22.28 5.61 17.43
CA ASP A 329 -21.94 4.23 17.13
C ASP A 329 -22.36 3.87 15.70
N TRP A 330 -23.52 4.39 15.27
CA TRP A 330 -24.04 4.08 13.95
C TRP A 330 -23.16 4.68 12.85
N TRP A 331 -22.75 5.94 13.03
CA TRP A 331 -21.93 6.63 12.05
C TRP A 331 -20.56 5.97 11.92
N LEU A 332 -20.01 5.52 13.05
CA LEU A 332 -18.74 4.82 13.05
C LEU A 332 -18.88 3.51 12.27
N ALA A 333 -20.07 2.91 12.33
CA ALA A 333 -20.30 1.60 11.77
C ALA A 333 -20.58 1.67 10.26
N ASN A 334 -21.04 2.82 9.77
CA ASN A 334 -21.60 2.91 8.43
C ASN A 334 -20.79 3.80 7.49
N LEU A 335 -19.96 4.70 8.02
CA LEU A 335 -19.05 5.49 7.19
C LEU A 335 -17.88 4.61 6.74
N THR A 336 -17.47 4.74 5.46
CA THR A 336 -16.48 3.82 4.91
C THR A 336 -15.31 4.52 4.23
N CYS A 337 -15.39 5.82 3.90
CA CYS A 337 -14.28 6.49 3.23
C CYS A 337 -14.01 7.86 3.83
N TYR A 338 -12.81 8.00 4.44
CA TYR A 338 -12.36 9.24 5.04
C TYR A 338 -10.93 9.05 5.51
N GLY A 339 -10.21 10.16 5.71
CA GLY A 339 -8.85 10.12 6.20
C GLY A 339 -8.78 9.71 7.67
N SER A 340 -9.42 10.50 8.54
CA SER A 340 -9.62 10.10 9.93
C SER A 340 -10.87 10.77 10.49
N LEU A 341 -11.42 10.15 11.55
CA LEU A 341 -12.75 10.48 12.04
C LEU A 341 -12.64 11.15 13.40
N PHE A 342 -13.38 12.26 13.56
CA PHE A 342 -13.49 12.95 14.85
C PHE A 342 -14.91 12.75 15.36
N LEU A 343 -15.07 11.81 16.30
CA LEU A 343 -16.39 11.38 16.75
C LEU A 343 -16.83 12.25 17.91
N GLY A 344 -17.97 12.93 17.74
CA GLY A 344 -18.53 13.78 18.77
C GLY A 344 -17.98 15.20 18.69
N GLU A 345 -18.60 16.10 19.44
CA GLU A 345 -18.29 17.51 19.41
C GLU A 345 -16.98 17.81 20.14
N GLU A 346 -16.61 16.97 21.11
CA GLU A 346 -15.55 17.33 22.04
C GLU A 346 -14.21 17.46 21.33
N THR A 347 -13.84 16.44 20.55
CA THR A 347 -12.62 16.52 19.77
C THR A 347 -12.89 17.37 18.53
N THR A 348 -11.81 17.81 17.87
CA THR A 348 -11.91 18.64 16.69
C THR A 348 -10.63 18.50 15.87
N VAL A 349 -10.69 18.93 14.61
CA VAL A 349 -9.62 18.71 13.66
C VAL A 349 -8.32 19.32 14.18
N ALA A 350 -8.38 20.52 14.77
CA ALA A 350 -7.18 21.25 15.14
C ALA A 350 -6.42 20.56 16.28
N PHE A 351 -7.10 19.69 17.05
CA PHE A 351 -6.41 18.87 18.04
C PHE A 351 -5.50 17.85 17.37
N GLY A 352 -5.71 17.61 16.07
CA GLY A 352 -4.78 16.84 15.27
C GLY A 352 -5.18 15.36 15.17
N ALA A 353 -5.26 14.87 13.94
CA ALA A 353 -5.36 13.44 13.69
C ALA A 353 -4.01 12.79 14.00
N LYS A 354 -4.03 11.50 14.33
CA LYS A 354 -2.84 10.77 14.71
C LYS A 354 -2.23 10.04 13.51
N THR A 355 -2.88 10.16 12.35
CA THR A 355 -2.36 9.68 11.08
C THR A 355 -2.71 10.71 10.00
N SER A 356 -2.23 10.47 8.78
CA SER A 356 -2.73 11.16 7.59
C SER A 356 -3.34 10.15 6.63
N GLY A 357 -4.46 10.53 6.03
CA GLY A 357 -5.25 9.63 5.21
C GLY A 357 -4.67 9.52 3.79
N PRO A 358 -5.32 8.73 2.92
CA PRO A 358 -4.79 8.48 1.58
C PRO A 358 -4.96 9.70 0.67
N ASN A 359 -4.27 9.68 -0.48
CA ASN A 359 -4.42 10.71 -1.48
C ASN A 359 -5.70 10.42 -2.25
N HIS A 360 -6.84 10.92 -1.74
CA HIS A 360 -8.15 10.53 -2.23
C HIS A 360 -8.48 11.25 -3.54
N VAL A 361 -7.66 12.25 -3.90
CA VAL A 361 -7.96 13.14 -5.02
C VAL A 361 -7.13 12.76 -6.25
N LEU A 362 -6.64 11.52 -6.32
CA LEU A 362 -5.86 11.06 -7.46
C LEU A 362 -6.79 10.81 -8.66
N ARG A 369 -5.95 5.45 -4.05
CA ARG A 369 -7.11 6.36 -3.80
C ARG A 369 -7.63 6.15 -2.38
N TYR A 370 -7.87 4.88 -2.01
CA TYR A 370 -8.30 4.53 -0.67
C TYR A 370 -7.11 4.00 0.13
N SER A 371 -6.19 3.28 -0.54
CA SER A 371 -5.06 2.64 0.12
C SER A 371 -3.92 3.63 0.26
N GLY A 372 -3.12 3.42 1.33
CA GLY A 372 -1.97 4.27 1.61
C GLY A 372 -2.20 5.12 2.85
N GLY A 373 -1.72 6.36 2.81
CA GLY A 373 -1.76 7.26 3.96
C GLY A 373 -0.51 7.10 4.83
N LEU A 374 -0.36 8.00 5.80
CA LEU A 374 0.76 7.95 6.71
C LEU A 374 0.29 7.35 8.03
N SER A 375 0.72 6.12 8.30
CA SER A 375 0.52 5.44 9.57
C SER A 375 1.68 4.47 9.75
N VAL A 376 1.70 3.72 10.85
CA VAL A 376 2.73 2.71 11.04
C VAL A 376 2.66 1.68 9.91
N HIS A 377 1.46 1.46 9.35
CA HIS A 377 1.26 0.45 8.32
C HIS A 377 2.08 0.74 7.06
N LYS A 378 2.35 2.03 6.79
CA LYS A 378 3.15 2.41 5.65
C LYS A 378 4.60 1.94 5.80
N PHE A 379 5.05 1.74 7.05
CA PHE A 379 6.45 1.49 7.32
C PHE A 379 6.70 0.05 7.72
N MET A 380 5.77 -0.85 7.36
CA MET A 380 5.89 -2.24 7.78
C MET A 380 5.59 -3.16 6.60
N LYS A 381 6.32 -4.28 6.57
CA LYS A 381 6.20 -5.28 5.53
C LYS A 381 5.66 -6.55 6.17
N THR A 382 4.86 -7.28 5.39
CA THR A 382 4.48 -8.65 5.74
C THR A 382 5.19 -9.59 4.77
N LEU A 383 5.93 -10.55 5.33
CA LEU A 383 6.53 -11.61 4.53
C LEU A 383 5.83 -12.92 4.89
N THR A 384 5.53 -13.73 3.88
CA THR A 384 4.90 -15.02 4.12
C THR A 384 5.89 -16.13 3.85
N TRP A 385 5.77 -17.22 4.63
CA TRP A 385 6.63 -18.39 4.50
C TRP A 385 5.81 -19.66 4.61
N GLN A 386 6.42 -20.77 4.16
CA GLN A 386 5.86 -22.11 4.32
C GLN A 386 6.97 -23.12 4.56
N GLN A 387 6.60 -24.22 5.23
CA GLN A 387 7.51 -25.32 5.53
C GLN A 387 6.70 -26.61 5.59
N MET A 388 7.27 -27.71 5.09
CA MET A 388 6.54 -28.95 5.01
C MET A 388 7.37 -30.09 5.61
N THR A 389 6.68 -31.05 6.22
CA THR A 389 7.26 -32.35 6.52
C THR A 389 7.28 -33.17 5.24
N ARG A 390 7.97 -34.31 5.28
CA ARG A 390 8.00 -35.24 4.17
C ARG A 390 6.60 -35.76 3.90
N GLU A 391 5.88 -36.09 4.98
CA GLU A 391 4.57 -36.71 4.86
C GLU A 391 3.60 -35.78 4.12
N ALA A 392 3.74 -34.47 4.34
CA ALA A 392 2.86 -33.48 3.72
C ALA A 392 2.92 -33.57 2.20
N THR A 393 4.10 -33.90 1.66
CA THR A 393 4.32 -33.89 0.22
C THR A 393 3.67 -35.10 -0.45
N ARG A 394 3.35 -36.15 0.33
CA ARG A 394 2.76 -37.35 -0.22
C ARG A 394 1.53 -36.97 -1.06
N GLN A 395 0.69 -36.10 -0.50
CA GLN A 395 -0.51 -35.65 -1.18
C GLN A 395 -0.19 -34.47 -2.11
N ILE A 396 0.63 -33.51 -1.63
CA ILE A 396 0.82 -32.26 -2.35
C ILE A 396 1.61 -32.48 -3.64
N GLY A 397 2.61 -33.37 -3.61
CA GLY A 397 3.42 -33.67 -4.78
C GLY A 397 2.60 -34.29 -5.92
N GLN A 398 1.73 -35.24 -5.59
CA GLN A 398 0.84 -35.88 -6.54
C GLN A 398 0.02 -34.84 -7.30
N VAL A 399 -0.64 -33.97 -6.53
CA VAL A 399 -1.56 -32.97 -7.05
C VAL A 399 -0.78 -32.02 -7.95
N THR A 400 0.33 -31.50 -7.43
CA THR A 400 1.21 -30.62 -8.19
C THR A 400 1.66 -31.29 -9.49
N ALA A 401 2.03 -32.57 -9.41
CA ALA A 401 2.53 -33.27 -10.59
C ALA A 401 1.43 -33.35 -11.65
N ARG A 402 0.24 -33.81 -11.25
CA ARG A 402 -0.87 -33.99 -12.17
C ARG A 402 -1.34 -32.65 -12.73
N ILE A 403 -1.37 -31.61 -11.90
CA ILE A 403 -1.79 -30.28 -12.33
C ILE A 403 -0.75 -29.71 -13.30
N SER A 404 0.53 -29.83 -12.95
CA SER A 404 1.61 -29.28 -13.77
C SER A 404 1.57 -29.88 -15.18
N ARG A 405 1.32 -31.19 -15.28
CA ARG A 405 1.37 -31.86 -16.57
C ARG A 405 0.18 -31.42 -17.41
N LEU A 406 -0.97 -31.18 -16.76
CA LEU A 406 -2.12 -30.62 -17.46
C LEU A 406 -1.79 -29.22 -18.00
N GLU A 407 -0.95 -28.47 -17.27
CA GLU A 407 -0.56 -27.14 -17.69
C GLU A 407 0.54 -27.20 -18.76
N GLY A 408 1.06 -28.41 -19.02
CA GLY A 408 2.16 -28.60 -19.96
C GLY A 408 3.51 -28.23 -19.35
N MET A 409 3.60 -28.35 -18.01
CA MET A 409 4.78 -27.93 -17.27
C MET A 409 5.49 -29.16 -16.72
N GLU A 410 6.32 -29.78 -17.56
CA GLU A 410 6.94 -31.06 -17.24
C GLU A 410 8.03 -30.85 -16.17
N ALA A 411 8.85 -29.82 -16.35
CA ALA A 411 9.91 -29.50 -15.40
C ALA A 411 9.35 -29.27 -14.00
N HIS A 412 8.22 -28.55 -13.92
CA HIS A 412 7.54 -28.31 -12.65
C HIS A 412 7.20 -29.64 -12.00
N ALA A 413 6.61 -30.54 -12.81
CA ALA A 413 6.13 -31.82 -12.32
C ALA A 413 7.30 -32.65 -11.76
N ARG A 414 8.49 -32.49 -12.35
CA ARG A 414 9.64 -33.30 -12.00
C ARG A 414 10.20 -32.88 -10.64
N THR A 415 9.96 -31.62 -10.25
CA THR A 415 10.38 -31.18 -8.93
C THR A 415 9.64 -32.00 -7.89
N ALA A 416 8.40 -32.41 -8.21
CA ALA A 416 7.59 -33.23 -7.33
C ALA A 416 7.98 -34.70 -7.48
N ASP A 417 8.24 -35.15 -8.71
CA ASP A 417 8.71 -36.50 -8.97
C ASP A 417 9.94 -36.80 -8.13
N ASP A 418 10.91 -35.87 -8.16
CA ASP A 418 12.17 -36.04 -7.47
C ASP A 418 11.95 -36.22 -5.96
N ARG A 419 11.02 -35.45 -5.40
CA ARG A 419 10.75 -35.51 -3.97
C ARG A 419 10.02 -36.81 -3.62
N MET A 420 9.07 -37.20 -4.49
CA MET A 420 8.31 -38.43 -4.31
C MET A 420 9.26 -39.63 -4.28
N ALA A 421 10.26 -39.61 -5.15
CA ALA A 421 11.20 -40.72 -5.29
C ALA A 421 12.14 -40.76 -4.08
N LYS A 422 12.53 -39.59 -3.57
CA LYS A 422 13.49 -39.51 -2.47
C LYS A 422 12.81 -39.86 -1.15
N TYR A 423 11.60 -39.34 -0.95
CA TYR A 423 10.93 -39.44 0.34
C TYR A 423 10.14 -40.74 0.43
N PHE A 424 9.67 -41.24 -0.72
CA PHE A 424 8.81 -42.42 -0.74
C PHE A 424 9.30 -43.40 -1.81
N PRO A 425 10.51 -44.00 -1.67
CA PRO A 425 11.04 -44.89 -2.70
C PRO A 425 10.13 -46.06 -3.03
N ASN A 426 9.63 -46.74 -1.97
CA ASN A 426 8.85 -47.95 -2.13
C ASN A 426 7.37 -47.59 -2.21
N ALA A 427 7.00 -46.79 -3.22
CA ALA A 427 5.61 -46.41 -3.43
C ALA A 427 5.44 -45.82 -4.83
N SER A 428 4.27 -46.06 -5.44
CA SER A 428 3.95 -45.52 -6.75
C SER A 428 2.70 -44.66 -6.64
N PHE A 429 2.64 -43.62 -7.47
CA PHE A 429 1.55 -42.65 -7.47
C PHE A 429 1.22 -42.29 -8.91
N GLU A 430 -0.04 -41.92 -9.17
CA GLU A 430 -0.41 -41.37 -10.47
C GLU A 430 0.04 -39.91 -10.54
N MET A 431 1.17 -39.68 -11.20
CA MET A 431 1.83 -38.39 -11.22
C MET A 431 1.56 -37.68 -12.54
N GLY A 432 0.56 -38.17 -13.30
CA GLY A 432 0.20 -37.60 -14.57
C GLY A 432 1.05 -38.16 -15.72
N THR A 433 0.52 -38.04 -16.94
CA THR A 433 1.22 -38.49 -18.14
C THR A 433 2.18 -37.39 -18.58
N PRO A 434 3.51 -37.69 -18.67
CA PRO A 434 4.50 -36.67 -19.05
C PRO A 434 4.18 -35.94 -20.35
N VAL A 435 4.73 -34.72 -20.47
CA VAL A 435 4.50 -33.89 -21.63
C VAL A 435 5.51 -34.31 -22.70
N GLU A 436 5.06 -34.36 -23.97
CA GLU A 436 5.90 -34.72 -25.10
C GLU A 436 6.23 -33.49 -25.95
N VAL A 437 5.42 -32.43 -25.85
CA VAL A 437 5.58 -31.25 -26.67
C VAL A 437 6.60 -30.30 -26.01
N MET B 2 34.22 -13.13 0.94
CA MET B 2 34.21 -12.53 -0.43
C MET B 2 33.07 -13.14 -1.24
N ILE B 3 32.60 -12.39 -2.24
CA ILE B 3 31.50 -12.80 -3.11
C ILE B 3 32.06 -13.10 -4.50
N SER B 4 31.63 -14.22 -5.09
CA SER B 4 32.15 -14.68 -6.36
C SER B 4 31.00 -15.06 -7.30
N TYR B 5 31.05 -14.57 -8.54
CA TYR B 5 29.99 -14.82 -9.51
C TYR B 5 30.40 -15.95 -10.43
N LEU B 6 30.21 -17.19 -9.96
CA LEU B 6 30.56 -18.39 -10.69
C LEU B 6 29.69 -18.51 -11.95
N LYS B 7 28.57 -17.79 -11.97
CA LYS B 7 27.82 -17.53 -13.19
C LYS B 7 27.13 -16.18 -13.07
N LYS B 8 27.03 -15.47 -14.20
CA LYS B 8 26.44 -14.14 -14.25
C LYS B 8 25.48 -14.09 -15.44
N ALA B 9 24.55 -13.14 -15.40
CA ALA B 9 23.53 -13.02 -16.44
C ALA B 9 24.15 -12.43 -17.71
N GLU B 10 23.68 -12.90 -18.87
CA GLU B 10 24.16 -12.43 -20.16
C GLU B 10 23.36 -11.20 -20.57
N LYS B 11 22.05 -11.40 -20.78
CA LYS B 11 21.13 -10.33 -21.17
C LYS B 11 20.55 -9.71 -19.90
N THR B 12 19.70 -8.68 -20.07
CA THR B 12 19.07 -8.00 -18.94
C THR B 12 17.58 -7.79 -19.21
N GLN B 21 0.76 0.47 -25.72
CA GLN B 21 0.85 1.40 -24.56
C GLN B 21 0.03 2.66 -24.84
N LYS B 22 -0.08 3.06 -26.12
CA LYS B 22 -0.92 4.17 -26.54
C LYS B 22 -2.28 3.66 -27.00
N VAL B 23 -2.32 2.41 -27.51
CA VAL B 23 -3.55 1.76 -27.92
C VAL B 23 -4.55 1.80 -26.76
N VAL B 24 -4.03 1.68 -25.54
CA VAL B 24 -4.82 1.73 -24.32
C VAL B 24 -5.61 3.04 -24.24
N THR B 25 -5.00 4.16 -24.65
CA THR B 25 -5.63 5.47 -24.51
C THR B 25 -6.86 5.58 -25.41
N GLU B 26 -6.79 5.02 -26.62
CA GLU B 26 -7.90 5.09 -27.56
C GLU B 26 -9.07 4.23 -27.06
N MET B 27 -8.78 2.97 -26.72
CA MET B 27 -9.79 2.00 -26.32
C MET B 27 -10.54 2.50 -25.08
N LEU B 28 -9.80 3.04 -24.10
CA LEU B 28 -10.38 3.49 -22.85
C LEU B 28 -11.23 4.74 -23.07
N ALA B 29 -10.80 5.61 -23.99
CA ALA B 29 -11.56 6.80 -24.33
C ALA B 29 -12.86 6.40 -25.03
N GLU B 30 -12.81 5.30 -25.80
CA GLU B 30 -13.95 4.81 -26.55
C GLU B 30 -14.94 4.12 -25.59
N ILE B 31 -14.41 3.25 -24.72
CA ILE B 31 -15.21 2.50 -23.77
C ILE B 31 -15.90 3.45 -22.79
N GLN B 32 -15.16 4.48 -22.36
CA GLN B 32 -15.67 5.47 -21.42
C GLN B 32 -16.84 6.23 -22.05
N ALA B 33 -16.73 6.51 -23.35
CA ALA B 33 -17.71 7.32 -24.07
C ALA B 33 -18.96 6.50 -24.43
N ARG B 34 -18.76 5.25 -24.86
CA ARG B 34 -19.84 4.48 -25.46
C ARG B 34 -20.19 3.21 -24.65
N GLY B 35 -19.47 2.95 -23.56
CA GLY B 35 -19.86 1.93 -22.59
C GLY B 35 -19.80 0.52 -23.15
N LYS B 36 -20.86 -0.26 -22.87
CA LYS B 36 -20.92 -1.68 -23.18
C LYS B 36 -20.88 -1.91 -24.70
N ASP B 37 -21.44 -0.98 -25.46
CA ASP B 37 -21.44 -1.04 -26.91
C ASP B 37 -20.02 -1.27 -27.43
N ALA B 38 -19.07 -0.46 -26.94
CA ALA B 38 -17.70 -0.48 -27.41
C ALA B 38 -17.00 -1.78 -26.98
N VAL B 39 -17.36 -2.30 -25.81
CA VAL B 39 -16.78 -3.52 -25.28
C VAL B 39 -17.16 -4.70 -26.16
N ARG B 40 -18.39 -4.70 -26.67
CA ARG B 40 -18.87 -5.77 -27.54
C ARG B 40 -18.12 -5.76 -28.86
N GLN B 41 -17.90 -4.56 -29.42
CA GLN B 41 -17.24 -4.43 -30.71
C GLN B 41 -15.79 -4.88 -30.59
N TYR B 42 -15.10 -4.43 -29.54
CA TYR B 42 -13.72 -4.81 -29.27
C TYR B 42 -13.62 -6.33 -29.09
N ALA B 43 -14.62 -6.92 -28.41
CA ALA B 43 -14.67 -8.36 -28.24
C ALA B 43 -14.71 -9.06 -29.61
N LYS B 44 -15.53 -8.56 -30.53
CA LYS B 44 -15.68 -9.18 -31.84
C LYS B 44 -14.44 -8.92 -32.69
N GLN B 45 -13.85 -7.73 -32.58
CA GLN B 45 -12.72 -7.34 -33.40
C GLN B 45 -11.45 -8.08 -32.96
N LEU B 46 -11.24 -8.17 -31.63
CA LEU B 46 -9.99 -8.68 -31.08
C LEU B 46 -10.08 -10.19 -30.83
N ASP B 47 -11.21 -10.64 -30.28
CA ASP B 47 -11.35 -12.02 -29.85
C ASP B 47 -12.36 -12.78 -30.72
N GLY B 48 -12.97 -12.09 -31.70
CA GLY B 48 -13.94 -12.73 -32.58
C GLY B 48 -15.21 -13.14 -31.85
N TRP B 49 -15.44 -12.56 -30.67
CA TRP B 49 -16.50 -12.99 -29.75
C TRP B 49 -17.79 -12.23 -30.07
N SER B 50 -18.84 -12.99 -30.39
CA SER B 50 -20.09 -12.41 -30.85
C SER B 50 -21.23 -12.71 -29.89
N GLY B 51 -20.95 -13.46 -28.82
CA GLY B 51 -21.98 -13.97 -27.92
C GLY B 51 -22.13 -13.14 -26.64
N ASP B 52 -22.74 -13.78 -25.63
CA ASP B 52 -22.99 -13.15 -24.34
C ASP B 52 -21.67 -12.99 -23.57
N ILE B 53 -21.59 -11.92 -22.78
CA ILE B 53 -20.41 -11.60 -21.99
C ILE B 53 -20.54 -12.25 -20.60
N VAL B 54 -21.64 -11.94 -19.92
CA VAL B 54 -21.87 -12.42 -18.56
C VAL B 54 -22.42 -13.84 -18.62
N LEU B 55 -21.73 -14.78 -17.96
CA LEU B 55 -22.18 -16.16 -17.93
C LEU B 55 -23.26 -16.33 -16.86
N THR B 56 -24.23 -17.20 -17.14
CA THR B 56 -25.28 -17.55 -16.21
C THR B 56 -24.83 -18.75 -15.39
N PRO B 57 -25.50 -19.07 -14.27
CA PRO B 57 -25.21 -20.30 -13.53
C PRO B 57 -25.28 -21.57 -14.37
N ASP B 58 -26.20 -21.58 -15.35
CA ASP B 58 -26.41 -22.74 -16.21
C ASP B 58 -25.25 -22.88 -17.20
N GLN B 59 -24.83 -21.76 -17.81
CA GLN B 59 -23.72 -21.75 -18.75
C GLN B 59 -22.43 -22.26 -18.10
N ILE B 60 -22.25 -21.94 -16.80
CA ILE B 60 -21.03 -22.26 -16.08
C ILE B 60 -20.95 -23.77 -15.85
N ARG B 61 -22.05 -24.41 -15.43
CA ARG B 61 -22.06 -25.82 -15.13
C ARG B 61 -21.97 -26.66 -16.42
N GLU B 62 -22.58 -26.16 -17.52
CA GLU B 62 -22.57 -26.90 -18.78
C GLU B 62 -21.22 -26.78 -19.47
N GLN B 63 -20.53 -25.65 -19.28
CA GLN B 63 -19.23 -25.46 -19.90
C GLN B 63 -18.14 -26.18 -19.11
N THR B 64 -18.45 -26.62 -17.87
CA THR B 64 -17.47 -27.30 -17.03
C THR B 64 -17.94 -28.70 -16.69
N LYS B 65 -18.91 -29.23 -17.47
CA LYS B 65 -19.46 -30.55 -17.22
C LYS B 65 -18.42 -31.62 -17.59
N ASP B 66 -17.57 -31.30 -18.58
CA ASP B 66 -16.60 -32.24 -19.12
C ASP B 66 -15.42 -32.42 -18.17
N VAL B 67 -15.20 -31.46 -17.26
CA VAL B 67 -14.06 -31.50 -16.37
C VAL B 67 -14.22 -32.70 -15.42
N PRO B 68 -13.30 -33.70 -15.47
CA PRO B 68 -13.44 -34.91 -14.67
C PRO B 68 -13.35 -34.69 -13.16
N ALA B 69 -13.76 -35.70 -12.38
CA ALA B 69 -13.82 -35.61 -10.94
C ALA B 69 -12.42 -35.51 -10.34
N GLY B 70 -11.46 -36.26 -10.89
CA GLY B 70 -10.08 -36.24 -10.43
C GLY B 70 -9.43 -34.86 -10.61
N VAL B 71 -9.68 -34.24 -11.76
CA VAL B 71 -9.13 -32.93 -12.07
C VAL B 71 -9.71 -31.89 -11.13
N ARG B 72 -11.04 -31.93 -10.94
CA ARG B 72 -11.74 -31.02 -10.04
C ARG B 72 -11.19 -31.12 -8.62
N ALA B 73 -10.97 -32.35 -8.15
CA ALA B 73 -10.50 -32.60 -6.80
C ALA B 73 -9.12 -31.98 -6.60
N ASP B 74 -8.24 -32.14 -7.59
CA ASP B 74 -6.89 -31.59 -7.56
C ASP B 74 -6.96 -30.06 -7.44
N ILE B 75 -7.73 -29.42 -8.32
CA ILE B 75 -7.86 -27.98 -8.32
C ILE B 75 -8.50 -27.51 -7.02
N ASP B 76 -9.53 -28.21 -6.55
CA ASP B 76 -10.19 -27.89 -5.29
C ASP B 76 -9.16 -27.88 -4.15
N PHE B 77 -8.30 -28.90 -4.13
CA PHE B 77 -7.28 -29.02 -3.09
C PHE B 77 -6.32 -27.84 -3.12
N ALA B 78 -5.86 -27.47 -4.33
CA ALA B 78 -4.88 -26.41 -4.47
C ALA B 78 -5.47 -25.07 -4.03
N ILE B 79 -6.76 -24.86 -4.33
CA ILE B 79 -7.45 -23.64 -3.92
C ILE B 79 -7.52 -23.58 -2.40
N ARG B 80 -7.90 -24.69 -1.76
CA ARG B 80 -8.01 -24.77 -0.31
C ARG B 80 -6.70 -24.38 0.37
N GLN B 81 -5.56 -24.70 -0.24
CA GLN B 81 -4.27 -24.39 0.36
C GLN B 81 -4.02 -22.87 0.34
N VAL B 82 -4.57 -22.18 -0.67
CA VAL B 82 -4.50 -20.73 -0.70
C VAL B 82 -5.53 -20.15 0.28
N THR B 83 -6.80 -20.52 0.10
CA THR B 83 -7.90 -20.03 0.92
C THR B 83 -7.57 -20.16 2.41
N ASP B 84 -7.08 -21.32 2.83
CA ASP B 84 -6.94 -21.63 4.26
C ASP B 84 -5.86 -20.75 4.89
N PHE B 85 -4.84 -20.38 4.10
CA PHE B 85 -3.84 -19.41 4.57
C PHE B 85 -4.44 -18.00 4.59
N ALA B 86 -5.13 -17.63 3.51
CA ALA B 86 -5.72 -16.30 3.42
C ALA B 86 -6.69 -16.04 4.56
N LEU B 87 -7.43 -17.07 5.01
CA LEU B 87 -8.36 -16.92 6.11
C LEU B 87 -7.60 -16.53 7.38
N ALA B 88 -6.52 -17.24 7.68
CA ALA B 88 -5.69 -16.94 8.83
C ALA B 88 -5.13 -15.53 8.73
N GLN B 89 -4.68 -15.15 7.52
CA GLN B 89 -3.97 -13.90 7.31
C GLN B 89 -4.94 -12.73 7.51
N ARG B 90 -6.21 -12.91 7.12
CA ARG B 90 -7.23 -11.88 7.27
C ARG B 90 -7.31 -11.43 8.71
N GLU B 91 -7.18 -12.38 9.65
CA GLU B 91 -7.39 -12.12 11.07
C GLU B 91 -6.17 -11.46 11.70
N SER B 92 -5.06 -11.32 10.94
CA SER B 92 -3.82 -10.82 11.50
C SER B 92 -3.83 -9.30 11.62
N LEU B 93 -4.82 -8.63 11.00
CA LEU B 93 -4.97 -7.19 11.13
C LEU B 93 -6.21 -6.90 11.96
N LYS B 94 -6.00 -6.45 13.20
CA LYS B 94 -7.06 -6.40 14.19
C LYS B 94 -7.62 -4.99 14.33
N GLU B 95 -8.93 -4.92 14.61
CA GLU B 95 -9.57 -3.69 15.08
C GLU B 95 -9.26 -3.52 16.57
N PHE B 96 -9.18 -2.27 17.03
CA PHE B 96 -8.97 -2.01 18.44
C PHE B 96 -9.46 -0.61 18.82
N SER B 97 -9.73 -0.45 20.13
CA SER B 97 -9.80 0.84 20.80
C SER B 97 -8.60 0.98 21.73
N VAL B 98 -8.26 2.23 22.09
CA VAL B 98 -7.20 2.46 23.06
C VAL B 98 -7.40 3.84 23.68
N GLU B 99 -6.91 4.00 24.91
CA GLU B 99 -6.95 5.29 25.60
C GLU B 99 -5.56 5.91 25.58
N LEU B 100 -5.46 7.11 25.01
CA LEU B 100 -4.21 7.87 25.00
C LEU B 100 -4.15 8.67 26.31
N HIS B 101 -4.06 10.01 26.20
CA HIS B 101 -4.32 10.89 27.31
C HIS B 101 -5.68 10.51 27.92
N PRO B 102 -5.82 10.46 29.26
CA PRO B 102 -7.10 10.12 29.88
C PRO B 102 -8.28 10.86 29.25
N GLY B 103 -9.29 10.10 28.85
CA GLY B 103 -10.50 10.64 28.24
C GLY B 103 -10.39 10.75 26.72
N VAL B 104 -9.22 10.43 26.16
CA VAL B 104 -9.07 10.34 24.72
C VAL B 104 -9.13 8.87 24.31
N THR B 105 -10.15 8.51 23.51
CA THR B 105 -10.21 7.19 22.93
C THR B 105 -9.95 7.30 21.42
N ALA B 106 -9.20 6.33 20.90
CA ALA B 106 -8.90 6.27 19.48
C ALA B 106 -8.86 4.81 19.06
N GLY B 107 -9.06 4.56 17.77
CA GLY B 107 -9.14 3.19 17.30
C GLY B 107 -9.02 3.04 15.78
N GLN B 108 -9.13 1.78 15.37
CA GLN B 108 -8.95 1.35 14.01
C GLN B 108 -10.05 0.35 13.65
N ARG B 109 -10.75 0.62 12.54
CA ARG B 109 -11.62 -0.34 11.91
C ARG B 109 -10.90 -0.99 10.73
N VAL B 110 -11.29 -2.23 10.41
CA VAL B 110 -10.71 -2.98 9.30
C VAL B 110 -11.86 -3.48 8.43
N LEU B 111 -11.94 -2.93 7.22
CA LEU B 111 -13.00 -3.23 6.28
C LEU B 111 -12.40 -3.92 5.06
N PRO B 112 -13.05 -4.96 4.49
CA PRO B 112 -12.75 -5.37 3.11
C PRO B 112 -13.29 -4.32 2.14
N VAL B 113 -12.66 -4.21 0.96
CA VAL B 113 -13.21 -3.39 -0.11
C VAL B 113 -14.51 -4.04 -0.60
N ASN B 114 -15.26 -3.30 -1.42
CA ASN B 114 -16.58 -3.73 -1.85
C ASN B 114 -16.49 -4.69 -3.04
N VAL B 115 -15.71 -4.29 -4.05
CA VAL B 115 -15.65 -5.05 -5.29
C VAL B 115 -14.20 -5.22 -5.71
N VAL B 116 -13.81 -6.48 -5.97
CA VAL B 116 -12.54 -6.80 -6.60
C VAL B 116 -12.81 -7.40 -7.98
N GLY B 117 -12.05 -6.95 -8.98
CA GLY B 117 -12.02 -7.54 -10.31
C GLY B 117 -10.77 -8.42 -10.50
N CYS B 118 -10.96 -9.64 -11.02
CA CYS B 118 -9.86 -10.57 -11.22
C CYS B 118 -9.78 -10.98 -12.69
N TYR B 119 -8.59 -10.80 -13.29
CA TYR B 119 -8.36 -11.18 -14.66
C TYR B 119 -7.43 -12.40 -14.70
N ALA B 120 -7.72 -13.33 -15.61
CA ALA B 120 -6.87 -14.48 -15.88
C ALA B 120 -6.68 -14.63 -17.37
N PRO B 121 -5.43 -14.86 -17.87
CA PRO B 121 -5.16 -14.86 -19.31
C PRO B 121 -5.69 -16.06 -20.08
N ALA B 122 -5.63 -17.25 -19.45
CA ALA B 122 -6.11 -18.50 -20.03
C ALA B 122 -5.30 -18.89 -21.27
N GLY B 123 -4.05 -18.44 -21.32
CA GLY B 123 -3.14 -18.81 -22.41
C GLY B 123 -2.44 -20.14 -22.12
N ARG B 124 -1.48 -20.50 -22.98
CA ARG B 124 -0.71 -21.71 -22.81
C ARG B 124 0.51 -21.40 -21.95
N TYR B 125 0.94 -22.40 -21.17
CA TYR B 125 2.03 -22.26 -20.22
C TYR B 125 1.71 -21.15 -19.23
N ALA B 126 0.46 -21.13 -18.77
CA ALA B 126 0.03 -20.35 -17.63
C ALA B 126 -0.41 -21.32 -16.54
N HIS B 127 -0.07 -20.99 -15.28
CA HIS B 127 -0.54 -21.77 -14.15
C HIS B 127 -2.05 -21.56 -13.98
N ILE B 128 -2.76 -22.62 -13.61
CA ILE B 128 -4.16 -22.53 -13.25
C ILE B 128 -4.28 -21.69 -11.97
N ALA B 129 -3.20 -21.65 -11.18
CA ALA B 129 -3.11 -20.79 -10.00
C ALA B 129 -3.35 -19.33 -10.34
N SER B 130 -3.00 -18.91 -11.57
CA SER B 130 -3.18 -17.54 -12.03
C SER B 130 -4.66 -17.15 -12.00
N ALA B 131 -5.54 -18.15 -12.15
CA ALA B 131 -6.96 -17.90 -12.27
C ALA B 131 -7.64 -17.85 -10.90
N TYR B 132 -7.14 -18.61 -9.91
CA TYR B 132 -7.86 -18.76 -8.65
C TYR B 132 -7.25 -17.94 -7.51
N MET B 133 -6.02 -17.43 -7.67
CA MET B 133 -5.30 -16.80 -6.57
C MET B 133 -6.02 -15.51 -6.14
N GLY B 134 -6.23 -14.59 -7.10
CA GLY B 134 -6.91 -13.34 -6.83
C GLY B 134 -8.33 -13.56 -6.29
N VAL B 135 -9.10 -14.42 -6.97
CA VAL B 135 -10.48 -14.69 -6.60
C VAL B 135 -10.53 -15.25 -5.18
N ALA B 136 -9.76 -16.31 -4.92
CA ALA B 136 -9.79 -16.98 -3.63
C ALA B 136 -9.31 -16.04 -2.52
N THR B 137 -8.38 -15.14 -2.84
CA THR B 137 -7.79 -14.24 -1.85
C THR B 137 -8.80 -13.15 -1.48
N ALA B 138 -9.44 -12.59 -2.51
CA ALA B 138 -10.44 -11.53 -2.34
C ALA B 138 -11.60 -12.03 -1.47
N LYS B 139 -12.04 -13.28 -1.72
CA LYS B 139 -13.17 -13.85 -1.01
C LYS B 139 -12.82 -14.13 0.45
N ALA B 140 -11.60 -14.61 0.70
CA ALA B 140 -11.16 -14.91 2.05
C ALA B 140 -11.01 -13.62 2.85
N ALA B 141 -10.68 -12.52 2.15
CA ALA B 141 -10.56 -11.20 2.75
C ALA B 141 -11.92 -10.67 3.18
N GLY B 142 -13.00 -11.24 2.61
CA GLY B 142 -14.35 -10.89 2.98
C GLY B 142 -15.02 -9.96 1.96
N VAL B 143 -14.42 -9.81 0.78
CA VAL B 143 -15.02 -9.01 -0.28
C VAL B 143 -16.30 -9.72 -0.75
N LYS B 144 -17.38 -8.94 -0.93
CA LYS B 144 -18.69 -9.54 -1.16
C LYS B 144 -18.95 -9.71 -2.66
N THR B 145 -18.36 -8.87 -3.51
CA THR B 145 -18.46 -9.05 -4.94
C THR B 145 -17.08 -9.21 -5.56
N VAL B 146 -16.84 -10.39 -6.17
CA VAL B 146 -15.65 -10.63 -6.96
C VAL B 146 -16.09 -10.90 -8.40
N VAL B 147 -15.59 -10.07 -9.32
CA VAL B 147 -15.84 -10.23 -10.74
C VAL B 147 -14.58 -10.80 -11.40
N ALA B 148 -14.75 -11.92 -12.12
CA ALA B 148 -13.65 -12.61 -12.78
C ALA B 148 -13.86 -12.56 -14.29
N CYS B 149 -12.84 -12.10 -15.03
CA CYS B 149 -12.83 -12.16 -16.48
C CYS B 149 -11.72 -13.09 -16.97
N SER B 150 -11.98 -13.74 -18.10
CA SER B 150 -10.94 -14.45 -18.84
C SER B 150 -11.31 -14.48 -20.32
N SER B 151 -10.30 -14.26 -21.17
CA SER B 151 -10.49 -14.20 -22.61
C SER B 151 -11.01 -15.54 -23.13
N PRO B 152 -12.01 -15.54 -24.04
CA PRO B 152 -12.60 -16.79 -24.54
C PRO B 152 -11.63 -17.51 -25.47
N PHE B 153 -11.60 -18.84 -25.37
CA PHE B 153 -10.68 -19.67 -26.14
C PHE B 153 -11.34 -20.05 -27.47
N ARG B 154 -11.01 -19.28 -28.52
CA ARG B 154 -11.30 -19.67 -29.89
C ARG B 154 -12.81 -19.72 -30.13
N GLY B 155 -13.54 -18.78 -29.53
CA GLY B 155 -14.99 -18.66 -29.72
C GLY B 155 -15.75 -19.87 -29.20
N GLN B 156 -15.17 -20.58 -28.22
CA GLN B 156 -15.81 -21.73 -27.60
C GLN B 156 -16.16 -21.42 -26.14
N GLY B 157 -15.65 -20.30 -25.62
CA GLY B 157 -15.85 -19.91 -24.23
C GLY B 157 -14.55 -19.85 -23.45
N ILE B 158 -14.66 -19.68 -22.13
CA ILE B 158 -13.51 -19.64 -21.25
C ILE B 158 -12.98 -21.06 -21.10
N HIS B 159 -11.65 -21.22 -21.08
CA HIS B 159 -11.03 -22.52 -20.88
C HIS B 159 -11.68 -23.19 -19.66
N PRO B 160 -12.34 -24.35 -19.84
CA PRO B 160 -13.04 -25.04 -18.73
C PRO B 160 -12.33 -25.16 -17.38
N HIS B 161 -11.00 -25.24 -17.39
CA HIS B 161 -10.22 -25.33 -16.16
C HIS B 161 -10.17 -23.96 -15.47
N VAL B 162 -10.04 -22.90 -16.27
CA VAL B 162 -10.06 -21.54 -15.75
C VAL B 162 -11.45 -21.21 -15.23
N LEU B 163 -12.49 -21.66 -15.95
CA LEU B 163 -13.87 -21.41 -15.56
C LEU B 163 -14.22 -22.19 -14.30
N TYR B 164 -13.75 -23.45 -14.21
CA TYR B 164 -13.97 -24.25 -13.02
C TYR B 164 -13.30 -23.59 -11.82
N ALA B 165 -12.10 -23.03 -12.03
CA ALA B 165 -11.31 -22.45 -10.95
C ALA B 165 -11.99 -21.20 -10.41
N PHE B 166 -12.34 -20.28 -11.31
CA PHE B 166 -13.12 -19.10 -10.97
C PHE B 166 -14.29 -19.47 -10.06
N GLN B 167 -15.03 -20.52 -10.44
CA GLN B 167 -16.26 -20.91 -9.77
C GLN B 167 -15.96 -21.50 -8.40
N ALA B 168 -15.04 -22.47 -8.36
CA ALA B 168 -14.69 -23.17 -7.13
C ALA B 168 -14.04 -22.23 -6.13
N ALA B 169 -13.38 -21.18 -6.63
CA ALA B 169 -12.70 -20.20 -5.80
C ALA B 169 -13.70 -19.22 -5.18
N GLY B 170 -14.90 -19.14 -5.77
CA GLY B 170 -16.00 -18.37 -5.18
C GLY B 170 -16.27 -17.05 -5.89
N ALA B 171 -15.95 -16.93 -7.19
CA ALA B 171 -16.25 -15.73 -7.94
C ALA B 171 -17.77 -15.56 -8.04
N ASP B 172 -18.23 -14.31 -7.95
CA ASP B 172 -19.66 -14.01 -7.90
C ASP B 172 -20.18 -13.74 -9.31
N VAL B 173 -19.36 -13.13 -10.15
CA VAL B 173 -19.71 -12.87 -11.54
C VAL B 173 -18.56 -13.32 -12.42
N ILE B 174 -18.89 -13.97 -13.55
CA ILE B 174 -17.90 -14.45 -14.49
C ILE B 174 -18.23 -13.92 -15.88
N MET B 175 -17.24 -13.29 -16.52
CA MET B 175 -17.44 -12.68 -17.82
C MET B 175 -16.40 -13.19 -18.81
N ALA B 176 -16.88 -13.71 -19.94
CA ALA B 176 -16.01 -14.14 -21.03
C ALA B 176 -15.57 -12.91 -21.81
N LEU B 177 -14.44 -12.34 -21.38
CA LEU B 177 -14.01 -11.05 -21.88
C LEU B 177 -12.51 -10.91 -21.61
N GLY B 178 -11.77 -10.34 -22.57
CA GLY B 178 -10.33 -10.38 -22.56
C GLY B 178 -9.70 -8.99 -22.58
N GLY B 179 -8.37 -8.97 -22.36
CA GLY B 179 -7.54 -7.80 -22.58
C GLY B 179 -8.08 -6.53 -21.92
N VAL B 180 -7.93 -5.42 -22.66
CA VAL B 180 -8.20 -4.09 -22.14
C VAL B 180 -9.69 -3.95 -21.84
N GLN B 181 -10.53 -4.62 -22.64
CA GLN B 181 -11.97 -4.56 -22.49
C GLN B 181 -12.37 -5.12 -21.13
N ALA B 182 -11.66 -6.17 -20.70
CA ALA B 182 -11.95 -6.85 -19.44
C ALA B 182 -11.71 -5.90 -18.27
N ILE B 183 -10.57 -5.21 -18.30
CA ILE B 183 -10.12 -4.39 -17.19
C ILE B 183 -10.98 -3.14 -17.11
N ALA B 184 -11.23 -2.52 -18.26
CA ALA B 184 -12.10 -1.34 -18.35
C ALA B 184 -13.50 -1.67 -17.85
N SER B 185 -14.04 -2.81 -18.31
CA SER B 185 -15.38 -3.24 -17.93
C SER B 185 -15.50 -3.37 -16.41
N MET B 186 -14.49 -4.00 -15.79
CA MET B 186 -14.51 -4.28 -14.37
C MET B 186 -14.31 -2.97 -13.59
N ALA B 187 -13.50 -2.06 -14.16
CA ALA B 187 -13.14 -0.82 -13.50
C ALA B 187 -14.29 0.19 -13.56
N TYR B 188 -14.95 0.28 -14.73
CA TYR B 188 -16.10 1.15 -14.91
C TYR B 188 -17.38 0.46 -14.45
N GLY B 189 -17.31 -0.85 -14.22
CA GLY B 189 -18.42 -1.61 -13.66
C GLY B 189 -19.49 -1.92 -14.69
N LEU B 190 -19.09 -2.04 -15.96
CA LEU B 190 -20.01 -2.36 -17.04
C LEU B 190 -20.47 -3.80 -16.88
N PHE B 191 -21.74 -4.07 -17.23
CA PHE B 191 -22.33 -5.40 -17.24
C PHE B 191 -22.83 -5.81 -15.85
N THR B 192 -22.29 -5.20 -14.79
CA THR B 192 -22.66 -5.55 -13.42
C THR B 192 -23.25 -4.35 -12.68
N GLY B 193 -22.89 -3.13 -13.10
CA GLY B 193 -23.21 -1.93 -12.35
C GLY B 193 -22.50 -1.89 -11.00
N LYS B 194 -21.29 -2.45 -10.93
CA LYS B 194 -20.54 -2.59 -9.69
C LYS B 194 -19.06 -2.36 -9.97
N PRO B 195 -18.59 -1.09 -10.01
CA PRO B 195 -17.19 -0.78 -10.29
C PRO B 195 -16.24 -1.45 -9.30
N ALA B 196 -15.14 -2.01 -9.82
CA ALA B 196 -14.15 -2.68 -8.99
C ALA B 196 -13.27 -1.65 -8.29
N ASP B 197 -13.13 -1.79 -6.97
CA ASP B 197 -12.23 -0.95 -6.18
C ASP B 197 -10.78 -1.26 -6.54
N VAL B 198 -10.52 -2.48 -6.99
CA VAL B 198 -9.18 -2.83 -7.47
C VAL B 198 -9.31 -4.01 -8.44
N VAL B 199 -8.41 -4.04 -9.43
CA VAL B 199 -8.34 -5.16 -10.37
C VAL B 199 -6.97 -5.80 -10.26
N VAL B 200 -6.94 -7.14 -10.29
CA VAL B 200 -5.70 -7.89 -10.16
C VAL B 200 -5.66 -9.00 -11.21
N GLY B 201 -4.45 -9.55 -11.39
CA GLY B 201 -4.24 -10.69 -12.26
C GLY B 201 -3.11 -10.43 -13.26
N PRO B 202 -2.33 -11.45 -13.64
CA PRO B 202 -1.31 -11.29 -14.67
C PRO B 202 -1.90 -11.26 -16.08
N GLY B 203 -1.29 -10.46 -16.96
CA GLY B 203 -1.66 -10.42 -18.37
C GLY B 203 -0.54 -9.85 -19.23
N ASN B 204 -0.89 -9.51 -20.47
CA ASN B 204 0.08 -8.98 -21.43
C ASN B 204 0.35 -7.52 -21.11
N LYS B 205 0.99 -6.82 -22.07
CA LYS B 205 1.51 -5.47 -21.85
C LYS B 205 0.39 -4.43 -21.90
N PHE B 206 -0.62 -4.68 -22.75
CA PHE B 206 -1.78 -3.80 -22.85
C PHE B 206 -2.61 -3.92 -21.57
N VAL B 207 -2.72 -5.16 -21.06
CA VAL B 207 -3.40 -5.44 -19.81
C VAL B 207 -2.73 -4.68 -18.66
N ALA B 208 -1.39 -4.76 -18.60
CA ALA B 208 -0.63 -4.14 -17.51
C ALA B 208 -0.74 -2.61 -17.58
N GLU B 209 -0.69 -2.04 -18.79
CA GLU B 209 -0.78 -0.60 -18.98
C GLU B 209 -2.22 -0.13 -18.77
N ALA B 210 -3.19 -0.99 -19.10
CA ALA B 210 -4.59 -0.69 -18.84
C ALA B 210 -4.83 -0.55 -17.34
N LYS B 211 -4.27 -1.48 -16.55
CA LYS B 211 -4.39 -1.46 -15.10
C LYS B 211 -3.61 -0.27 -14.52
N ARG B 212 -2.53 0.13 -15.21
CA ARG B 212 -1.76 1.30 -14.80
C ARG B 212 -2.59 2.56 -14.99
N SER B 213 -3.22 2.71 -16.16
CA SER B 213 -3.94 3.92 -16.52
C SER B 213 -5.24 4.05 -15.74
N LEU B 214 -5.87 2.93 -15.40
CA LEU B 214 -7.14 2.93 -14.66
C LEU B 214 -6.87 3.06 -13.17
N TYR B 215 -5.82 2.39 -12.68
CA TYR B 215 -5.48 2.39 -11.27
C TYR B 215 -4.04 2.89 -11.09
N PRO B 226 7.50 -12.32 -15.48
CA PRO B 226 8.65 -13.24 -15.55
C PRO B 226 8.86 -13.99 -14.23
N SER B 227 8.71 -15.32 -14.28
CA SER B 227 8.70 -16.15 -13.07
C SER B 227 10.12 -16.39 -12.59
N GLU B 228 10.39 -16.00 -11.33
CA GLU B 228 11.71 -16.08 -10.72
C GLU B 228 11.77 -17.31 -9.82
N VAL B 229 12.98 -17.74 -9.49
CA VAL B 229 13.21 -18.68 -8.41
C VAL B 229 14.64 -18.50 -7.90
N ALA B 230 14.78 -18.42 -6.58
CA ALA B 230 16.08 -18.40 -5.95
C ALA B 230 16.16 -19.55 -4.96
N VAL B 231 17.36 -20.12 -4.83
CA VAL B 231 17.64 -21.15 -3.86
C VAL B 231 18.86 -20.73 -3.05
N ILE B 232 18.68 -20.67 -1.72
CA ILE B 232 19.78 -20.53 -0.78
C ILE B 232 20.10 -21.94 -0.28
N ALA B 233 21.40 -22.27 -0.24
CA ALA B 233 21.82 -23.62 0.06
C ALA B 233 23.20 -23.62 0.72
N ASP B 234 23.41 -24.57 1.63
CA ASP B 234 24.71 -24.80 2.23
C ASP B 234 25.15 -26.22 1.86
N GLU B 235 26.14 -26.74 2.60
CA GLU B 235 26.78 -28.01 2.25
C GLU B 235 25.83 -29.18 2.54
N THR B 236 24.79 -28.94 3.35
CA THR B 236 23.84 -29.99 3.72
C THR B 236 22.81 -30.22 2.62
N ALA B 237 22.82 -29.37 1.58
CA ALA B 237 21.78 -29.40 0.56
C ALA B 237 22.03 -30.53 -0.44
N ASP B 238 20.94 -31.05 -1.01
CA ASP B 238 20.99 -32.08 -2.06
C ASP B 238 20.97 -31.39 -3.42
N PRO B 239 22.11 -31.32 -4.15
CA PRO B 239 22.19 -30.55 -5.39
C PRO B 239 21.28 -31.04 -6.51
N ALA B 240 20.88 -32.32 -6.47
CA ALA B 240 19.96 -32.87 -7.46
C ALA B 240 18.61 -32.17 -7.35
N ILE B 241 18.16 -31.94 -6.11
CA ILE B 241 16.89 -31.28 -5.86
C ILE B 241 17.02 -29.78 -6.19
N VAL B 242 18.14 -29.17 -5.76
CA VAL B 242 18.36 -27.76 -6.00
C VAL B 242 18.28 -27.50 -7.50
N ALA B 243 19.06 -28.26 -8.28
CA ALA B 243 19.14 -28.11 -9.71
C ALA B 243 17.76 -28.33 -10.35
N SER B 244 17.03 -29.34 -9.86
CA SER B 244 15.68 -29.60 -10.32
C SER B 244 14.78 -28.38 -10.11
N ASP B 245 14.91 -27.73 -8.95
CA ASP B 245 14.05 -26.61 -8.58
C ASP B 245 14.33 -25.41 -9.48
N LEU B 246 15.61 -25.15 -9.78
CA LEU B 246 15.98 -24.05 -10.67
C LEU B 246 15.42 -24.28 -12.06
N VAL B 247 15.57 -25.52 -12.55
CA VAL B 247 15.08 -25.91 -13.87
C VAL B 247 13.57 -25.76 -13.91
N GLY B 248 12.91 -26.06 -12.78
CA GLY B 248 11.47 -26.04 -12.66
C GLY B 248 10.84 -24.77 -13.20
N GLN B 249 11.34 -23.60 -12.79
CA GLN B 249 10.77 -22.32 -13.21
C GLN B 249 11.43 -21.83 -14.49
N ALA B 250 12.63 -22.35 -14.80
CA ALA B 250 13.36 -21.95 -15.98
C ALA B 250 12.53 -22.20 -17.25
N GLU B 251 11.68 -23.24 -17.21
CA GLU B 251 10.91 -23.65 -18.38
C GLU B 251 9.75 -22.69 -18.69
N HIS B 252 9.45 -21.74 -17.80
CA HIS B 252 8.36 -20.80 -18.03
C HIS B 252 8.57 -20.07 -19.35
N GLY B 253 9.69 -19.36 -19.45
CA GLY B 253 9.99 -18.58 -20.64
C GLY B 253 11.49 -18.35 -20.78
N HIS B 254 11.85 -17.49 -21.75
CA HIS B 254 13.24 -17.24 -22.06
C HIS B 254 13.83 -16.22 -21.09
N GLU B 255 12.95 -15.54 -20.34
CA GLU B 255 13.37 -14.48 -19.43
C GLU B 255 12.86 -14.79 -18.02
N SER B 256 13.12 -16.02 -17.56
CA SER B 256 12.79 -16.46 -16.21
C SER B 256 14.07 -16.67 -15.40
N PRO B 257 14.49 -15.69 -14.58
CA PRO B 257 15.69 -15.83 -13.76
C PRO B 257 15.67 -17.10 -12.91
N ALA B 258 16.87 -17.63 -12.64
CA ALA B 258 17.03 -18.78 -11.77
C ALA B 258 18.36 -18.65 -11.02
N TRP B 259 18.29 -18.31 -9.73
CA TRP B 259 19.47 -17.93 -8.97
C TRP B 259 19.79 -18.94 -7.88
N LEU B 260 21.09 -19.16 -7.65
CA LEU B 260 21.57 -19.98 -6.56
C LEU B 260 22.56 -19.14 -5.74
N PHE B 261 22.27 -18.96 -4.44
CA PHE B 261 23.19 -18.31 -3.53
C PHE B 261 23.65 -19.35 -2.51
N THR B 262 24.96 -19.58 -2.43
CA THR B 262 25.47 -20.67 -1.62
C THR B 262 26.79 -20.28 -0.95
N THR B 263 27.11 -20.97 0.15
CA THR B 263 28.39 -20.84 0.84
C THR B 263 29.27 -22.05 0.57
N SER B 264 28.91 -22.87 -0.43
CA SER B 264 29.59 -24.13 -0.72
C SER B 264 29.95 -24.22 -2.19
N ARG B 265 31.26 -24.28 -2.48
CA ARG B 265 31.76 -24.36 -3.85
C ARG B 265 31.37 -25.71 -4.45
N ASP B 266 31.45 -26.78 -3.65
CA ASP B 266 31.12 -28.13 -4.11
C ASP B 266 29.70 -28.16 -4.65
N LEU B 267 28.75 -27.61 -3.88
CA LEU B 267 27.35 -27.58 -4.30
C LEU B 267 27.22 -26.70 -5.54
N ALA B 268 27.86 -25.52 -5.51
CA ALA B 268 27.81 -24.56 -6.60
C ALA B 268 28.24 -25.23 -7.91
N ASP B 269 29.37 -25.95 -7.88
CA ASP B 269 29.91 -26.60 -9.07
C ASP B 269 29.02 -27.76 -9.47
N ARG B 270 28.61 -28.58 -8.49
CA ARG B 270 27.82 -29.78 -8.78
C ARG B 270 26.48 -29.39 -9.39
N VAL B 271 25.89 -28.27 -8.94
CA VAL B 271 24.62 -27.81 -9.45
C VAL B 271 24.79 -27.32 -10.89
N MET B 272 25.87 -26.56 -11.12
CA MET B 272 26.16 -26.01 -12.44
C MET B 272 26.40 -27.15 -13.44
N ALA B 273 26.70 -28.35 -12.93
CA ALA B 273 26.95 -29.52 -13.76
C ALA B 273 25.67 -30.31 -14.05
N LEU B 274 24.69 -30.28 -13.13
CA LEU B 274 23.48 -31.07 -13.27
C LEU B 274 22.42 -30.31 -14.08
N VAL B 275 22.38 -28.98 -13.95
CA VAL B 275 21.32 -28.18 -14.55
C VAL B 275 21.27 -28.44 -16.06
N PRO B 276 22.38 -28.28 -16.82
CA PRO B 276 22.40 -28.64 -18.24
C PRO B 276 21.85 -30.03 -18.57
N GLU B 277 22.16 -31.02 -17.73
CA GLU B 277 21.76 -32.41 -17.97
C GLU B 277 20.25 -32.55 -17.82
N LEU B 278 19.68 -31.92 -16.78
CA LEU B 278 18.25 -31.99 -16.55
C LEU B 278 17.51 -31.27 -17.67
N ILE B 279 18.07 -30.14 -18.15
CA ILE B 279 17.48 -29.39 -19.25
C ILE B 279 17.43 -30.27 -20.50
N ALA B 280 18.54 -30.95 -20.81
CA ALA B 280 18.64 -31.77 -22.00
C ALA B 280 17.61 -32.90 -21.99
N LYS B 281 17.19 -33.33 -20.79
CA LYS B 281 16.24 -34.43 -20.64
C LYS B 281 14.79 -33.94 -20.73
N LEU B 282 14.57 -32.63 -20.76
CA LEU B 282 13.23 -32.07 -20.85
C LEU B 282 12.66 -32.27 -22.25
N PRO B 283 11.31 -32.28 -22.41
CA PRO B 283 10.69 -32.26 -23.74
C PRO B 283 10.99 -30.97 -24.50
N PRO B 284 10.79 -30.96 -25.84
CA PRO B 284 11.30 -29.88 -26.70
C PRO B 284 11.04 -28.43 -26.28
N THR B 285 9.77 -28.08 -26.03
CA THR B 285 9.41 -26.69 -25.76
C THR B 285 10.05 -26.21 -24.45
N ALA B 286 10.00 -27.08 -23.42
CA ALA B 286 10.58 -26.79 -22.13
C ALA B 286 12.12 -26.77 -22.21
N ARG B 287 12.69 -27.60 -23.09
CA ARG B 287 14.14 -27.64 -23.28
CA ARG B 287 14.14 -27.64 -23.27
C ARG B 287 14.62 -26.29 -23.79
N ASP B 288 13.95 -25.78 -24.83
CA ASP B 288 14.32 -24.52 -25.46
C ASP B 288 14.26 -23.39 -24.44
N ALA B 289 13.10 -23.28 -23.77
CA ALA B 289 12.83 -22.21 -22.83
C ALA B 289 13.91 -22.18 -21.75
N ALA B 290 14.15 -23.33 -21.12
CA ALA B 290 15.07 -23.45 -20.00
C ALA B 290 16.52 -23.23 -20.44
N THR B 291 16.87 -23.77 -21.61
CA THR B 291 18.20 -23.58 -22.18
C THR B 291 18.50 -22.09 -22.27
N ALA B 292 17.61 -21.34 -22.93
CA ALA B 292 17.76 -19.90 -23.11
C ALA B 292 17.84 -19.20 -21.75
N ALA B 293 16.89 -19.52 -20.87
CA ALA B 293 16.70 -18.81 -19.62
C ALA B 293 17.89 -19.01 -18.68
N TRP B 294 18.33 -20.26 -18.56
CA TRP B 294 19.45 -20.57 -17.67
C TRP B 294 20.70 -19.85 -18.15
N ARG B 295 20.91 -19.82 -19.47
CA ARG B 295 22.03 -19.12 -20.06
C ARG B 295 21.93 -17.62 -19.78
N ASP B 296 20.80 -17.01 -20.17
CA ASP B 296 20.69 -15.56 -20.25
C ASP B 296 20.53 -14.93 -18.87
N TYR B 297 19.79 -15.58 -17.97
CA TYR B 297 19.42 -14.96 -16.70
C TYR B 297 19.83 -15.81 -15.50
N GLY B 298 20.29 -17.05 -15.72
CA GLY B 298 20.78 -17.88 -14.65
C GLY B 298 22.01 -17.26 -13.98
N GLU B 299 22.09 -17.38 -12.64
CA GLU B 299 23.19 -16.84 -11.88
C GLU B 299 23.56 -17.78 -10.74
N VAL B 300 24.86 -17.82 -10.39
CA VAL B 300 25.35 -18.56 -9.24
C VAL B 300 26.31 -17.66 -8.47
N ILE B 301 26.14 -17.62 -7.14
CA ILE B 301 26.89 -16.71 -6.28
C ILE B 301 27.37 -17.49 -5.06
N LEU B 302 28.71 -17.57 -4.92
CA LEU B 302 29.36 -18.17 -3.75
C LEU B 302 29.67 -17.04 -2.77
N CYS B 303 29.52 -17.32 -1.47
CA CYS B 303 29.65 -16.29 -0.44
C CYS B 303 30.46 -16.82 0.73
N GLY B 304 30.99 -15.89 1.54
CA GLY B 304 31.84 -16.24 2.67
C GLY B 304 31.04 -16.74 3.85
N THR B 305 30.14 -15.89 4.36
CA THR B 305 29.34 -16.20 5.53
C THR B 305 27.86 -16.29 5.16
N ARG B 306 27.05 -16.81 6.09
CA ARG B 306 25.61 -16.74 6.03
C ARG B 306 25.19 -15.27 5.85
N GLU B 307 25.78 -14.41 6.70
CA GLU B 307 25.41 -13.01 6.80
C GLU B 307 25.54 -12.32 5.44
N GLU B 308 26.50 -12.79 4.63
CA GLU B 308 26.71 -12.24 3.30
C GLU B 308 25.61 -12.70 2.34
N VAL B 309 25.20 -13.97 2.45
CA VAL B 309 24.14 -14.52 1.60
C VAL B 309 22.89 -13.65 1.75
N VAL B 310 22.50 -13.39 3.00
CA VAL B 310 21.37 -12.52 3.30
C VAL B 310 21.47 -11.25 2.43
N GLU B 311 22.62 -10.58 2.52
CA GLU B 311 22.85 -9.32 1.84
C GLU B 311 22.50 -9.45 0.35
N ILE B 312 22.99 -10.52 -0.29
CA ILE B 312 22.76 -10.75 -1.70
C ILE B 312 21.29 -11.07 -1.94
N SER B 313 20.75 -12.01 -1.15
CA SER B 313 19.37 -12.44 -1.29
C SER B 313 18.44 -11.21 -1.26
N ASP B 314 18.66 -10.35 -0.26
CA ASP B 314 17.82 -9.19 -0.02
C ASP B 314 17.94 -8.18 -1.16
N ARG B 315 19.13 -8.07 -1.78
CA ARG B 315 19.32 -7.20 -2.92
C ARG B 315 18.53 -7.72 -4.12
N TYR B 316 18.50 -9.04 -4.32
CA TYR B 316 17.83 -9.63 -5.46
C TYR B 316 16.33 -9.68 -5.23
N ALA B 317 15.91 -10.04 -4.00
CA ALA B 317 14.52 -10.03 -3.58
C ALA B 317 13.67 -10.90 -4.51
N SER B 318 14.06 -12.16 -4.66
CA SER B 318 13.37 -13.08 -5.55
C SER B 318 11.91 -13.22 -5.14
N GLU B 319 11.03 -13.41 -6.13
CA GLU B 319 9.61 -13.61 -5.90
C GLU B 319 9.40 -14.92 -5.14
N HIS B 320 10.19 -15.94 -5.48
CA HIS B 320 10.11 -17.25 -4.85
C HIS B 320 11.50 -17.67 -4.38
N LEU B 321 11.68 -17.70 -3.05
CA LEU B 321 12.97 -18.00 -2.45
C LEU B 321 12.90 -19.31 -1.66
N GLU B 322 13.69 -20.30 -2.09
CA GLU B 322 13.86 -21.55 -1.36
C GLU B 322 15.12 -21.48 -0.51
N VAL B 323 15.09 -22.17 0.64
CA VAL B 323 16.18 -22.16 1.60
C VAL B 323 16.45 -23.60 2.03
N HIS B 324 17.50 -24.20 1.46
CA HIS B 324 17.87 -25.57 1.77
C HIS B 324 19.15 -25.56 2.61
N THR B 325 19.01 -25.33 3.92
CA THR B 325 20.17 -25.21 4.79
C THR B 325 19.88 -25.85 6.14
N ALA B 326 20.92 -25.94 6.97
CA ALA B 326 20.79 -26.17 8.39
C ALA B 326 20.30 -24.88 9.03
N ASP B 327 19.71 -25.00 10.24
CA ASP B 327 19.31 -23.85 11.04
C ASP B 327 18.41 -22.92 10.22
N LEU B 328 17.20 -23.41 9.93
CA LEU B 328 16.27 -22.68 9.08
C LEU B 328 15.66 -21.50 9.83
N ASP B 329 15.48 -21.62 11.15
CA ASP B 329 14.98 -20.53 11.97
C ASP B 329 15.81 -19.27 11.74
N TRP B 330 17.13 -19.41 11.69
CA TRP B 330 18.02 -18.28 11.54
C TRP B 330 17.71 -17.53 10.24
N TRP B 331 17.42 -18.28 9.18
CA TRP B 331 17.16 -17.70 7.87
C TRP B 331 15.79 -17.03 7.82
N LEU B 332 14.81 -17.65 8.46
CA LEU B 332 13.50 -17.02 8.62
C LEU B 332 13.65 -15.67 9.31
N ALA B 333 14.48 -15.63 10.35
CA ALA B 333 14.63 -14.45 11.18
C ALA B 333 15.38 -13.34 10.46
N ASN B 334 16.36 -13.70 9.62
CA ASN B 334 17.37 -12.75 9.17
C ASN B 334 17.10 -12.28 7.73
N LEU B 335 16.39 -13.07 6.93
CA LEU B 335 16.00 -12.63 5.60
C LEU B 335 14.90 -11.56 5.73
N THR B 336 14.93 -10.55 4.85
CA THR B 336 14.04 -9.40 5.02
C THR B 336 13.37 -8.99 3.70
N CYS B 337 13.82 -9.51 2.56
CA CYS B 337 13.30 -9.06 1.27
C CYS B 337 13.13 -10.22 0.30
N TYR B 338 11.87 -10.59 0.06
CA TYR B 338 11.51 -11.65 -0.87
C TYR B 338 10.00 -11.63 -1.08
N GLY B 339 9.54 -12.25 -2.16
CA GLY B 339 8.12 -12.38 -2.42
C GLY B 339 7.48 -13.42 -1.50
N SER B 340 8.08 -14.61 -1.48
CA SER B 340 7.58 -15.70 -0.65
C SER B 340 8.74 -16.62 -0.27
N LEU B 341 8.71 -17.15 0.96
CA LEU B 341 9.78 -18.00 1.44
C LEU B 341 9.32 -19.45 1.48
N PHE B 342 10.13 -20.33 0.87
CA PHE B 342 9.96 -21.76 0.99
C PHE B 342 11.08 -22.33 1.87
N LEU B 343 10.71 -22.76 3.07
CA LEU B 343 11.67 -23.08 4.11
C LEU B 343 11.87 -24.59 4.17
N GLY B 344 13.11 -25.03 3.88
CA GLY B 344 13.45 -26.44 3.85
C GLY B 344 13.33 -27.03 2.44
N GLU B 345 13.75 -28.30 2.32
CA GLU B 345 13.81 -29.00 1.03
C GLU B 345 12.42 -29.49 0.62
N GLU B 346 11.61 -29.85 1.61
CA GLU B 346 10.41 -30.64 1.36
C GLU B 346 9.46 -29.84 0.47
N THR B 347 9.18 -28.59 0.84
CA THR B 347 8.33 -27.74 0.02
C THR B 347 9.16 -27.24 -1.16
N THR B 348 8.46 -26.77 -2.19
CA THR B 348 9.09 -26.32 -3.42
C THR B 348 8.17 -25.32 -4.11
N VAL B 349 8.77 -24.44 -4.92
CA VAL B 349 8.07 -23.35 -5.58
C VAL B 349 6.84 -23.87 -6.33
N ALA B 350 6.97 -25.02 -6.98
CA ALA B 350 5.90 -25.56 -7.80
C ALA B 350 4.65 -25.89 -6.98
N PHE B 351 4.80 -26.08 -5.66
CA PHE B 351 3.67 -26.37 -4.78
C PHE B 351 2.81 -25.13 -4.59
N GLY B 352 3.34 -23.95 -4.90
CA GLY B 352 2.56 -22.73 -4.93
C GLY B 352 2.80 -21.85 -3.71
N ALA B 353 3.06 -20.57 -3.99
CA ALA B 353 3.08 -19.55 -2.96
C ALA B 353 1.64 -19.31 -2.48
N LYS B 354 1.49 -18.83 -1.25
CA LYS B 354 0.19 -18.52 -0.71
C LYS B 354 -0.20 -17.09 -1.11
N THR B 355 0.80 -16.24 -1.34
CA THR B 355 0.61 -14.86 -1.74
C THR B 355 1.47 -14.57 -2.97
N SER B 356 1.47 -13.31 -3.43
CA SER B 356 2.42 -12.82 -4.41
C SER B 356 3.12 -11.58 -3.86
N GLY B 357 4.44 -11.50 -4.08
CA GLY B 357 5.22 -10.33 -3.73
C GLY B 357 4.98 -9.18 -4.70
N PRO B 358 5.60 -8.00 -4.48
CA PRO B 358 5.27 -6.79 -5.24
C PRO B 358 5.55 -6.90 -6.74
N ASN B 359 4.47 -6.98 -7.53
CA ASN B 359 4.56 -7.00 -8.98
C ASN B 359 4.68 -5.57 -9.50
N GLY B 373 2.00 -6.43 -2.93
CA GLY B 373 1.71 -7.63 -3.75
C GLY B 373 0.25 -8.08 -3.60
N LEU B 374 0.00 -9.36 -3.92
CA LEU B 374 -1.34 -9.92 -3.81
C LEU B 374 -1.45 -10.71 -2.51
N SER B 375 -2.28 -10.21 -1.59
CA SER B 375 -2.69 -10.92 -0.39
C SER B 375 -3.98 -10.29 0.12
N VAL B 376 -4.55 -10.86 1.19
CA VAL B 376 -5.74 -10.31 1.79
C VAL B 376 -5.54 -8.84 2.15
N HIS B 377 -4.31 -8.45 2.48
CA HIS B 377 -4.01 -7.07 2.88
C HIS B 377 -4.30 -6.08 1.75
N LYS B 378 -4.17 -6.53 0.50
CA LYS B 378 -4.41 -5.69 -0.65
C LYS B 378 -5.89 -5.31 -0.76
N PHE B 379 -6.77 -6.11 -0.14
CA PHE B 379 -8.20 -5.93 -0.28
C PHE B 379 -8.82 -5.46 1.03
N MET B 380 -8.00 -4.89 1.92
CA MET B 380 -8.44 -4.49 3.25
C MET B 380 -8.06 -3.04 3.50
N LYS B 381 -8.94 -2.33 4.19
CA LYS B 381 -8.79 -0.91 4.47
C LYS B 381 -8.80 -0.73 5.98
N THR B 382 -7.94 0.16 6.49
CA THR B 382 -8.06 0.62 7.86
C THR B 382 -8.68 2.00 7.86
N LEU B 383 -9.56 2.25 8.83
CA LEU B 383 -10.06 3.59 9.11
C LEU B 383 -9.77 3.88 10.58
N THR B 384 -9.25 5.07 10.86
CA THR B 384 -8.94 5.47 12.23
C THR B 384 -9.92 6.56 12.68
N TRP B 385 -10.18 6.59 13.99
CA TRP B 385 -11.11 7.53 14.59
C TRP B 385 -10.59 7.96 15.96
N GLN B 386 -11.09 9.10 16.45
CA GLN B 386 -10.81 9.54 17.80
C GLN B 386 -12.06 10.16 18.40
N GLN B 387 -12.15 10.10 19.74
CA GLN B 387 -13.24 10.68 20.51
C GLN B 387 -12.70 11.13 21.87
N MET B 388 -13.30 12.17 22.44
CA MET B 388 -12.80 12.73 23.69
C MET B 388 -13.95 13.01 24.66
N THR B 389 -13.65 12.91 25.96
CA THR B 389 -14.47 13.49 27.00
C THR B 389 -14.19 15.00 27.05
N ARG B 390 -15.06 15.75 27.75
CA ARG B 390 -14.82 17.19 27.95
C ARG B 390 -13.57 17.39 28.80
N GLU B 391 -13.43 16.55 29.82
CA GLU B 391 -12.29 16.59 30.73
C GLU B 391 -10.98 16.51 29.95
N ALA B 392 -10.94 15.70 28.88
CA ALA B 392 -9.73 15.54 28.09
C ALA B 392 -9.37 16.86 27.40
N THR B 393 -10.38 17.64 26.99
CA THR B 393 -10.14 18.85 26.22
C THR B 393 -9.58 19.99 27.09
N ARG B 394 -9.65 19.83 28.41
CA ARG B 394 -9.16 20.86 29.32
C ARG B 394 -7.69 21.13 29.00
N GLN B 395 -6.90 20.05 28.88
CA GLN B 395 -5.47 20.17 28.58
C GLN B 395 -5.24 20.24 27.06
N ILE B 396 -5.89 19.33 26.30
CA ILE B 396 -5.67 19.23 24.87
C ILE B 396 -6.06 20.54 24.18
N GLY B 397 -7.16 21.15 24.64
CA GLY B 397 -7.63 22.42 24.09
C GLY B 397 -6.60 23.53 24.22
N GLN B 398 -5.99 23.66 25.41
CA GLN B 398 -5.16 24.83 25.68
C GLN B 398 -3.79 24.66 25.03
N VAL B 399 -3.29 23.42 24.96
CA VAL B 399 -2.07 23.14 24.22
C VAL B 399 -2.31 23.47 22.74
N THR B 400 -3.42 22.98 22.20
CA THR B 400 -3.75 23.23 20.81
C THR B 400 -3.78 24.73 20.53
N ALA B 401 -4.41 25.50 21.44
CA ALA B 401 -4.58 26.93 21.24
C ALA B 401 -3.22 27.62 21.19
N ARG B 402 -2.34 27.30 22.15
CA ARG B 402 -1.03 27.93 22.24
C ARG B 402 -0.21 27.58 21.00
N ILE B 403 -0.20 26.30 20.60
CA ILE B 403 0.55 25.87 19.44
C ILE B 403 0.03 26.59 18.21
N SER B 404 -1.31 26.61 18.05
CA SER B 404 -1.93 27.20 16.87
C SER B 404 -1.55 28.68 16.74
N ARG B 405 -1.45 29.38 17.88
CA ARG B 405 -1.18 30.81 17.84
C ARG B 405 0.31 31.05 17.54
N LEU B 406 1.20 30.19 18.03
CA LEU B 406 2.60 30.25 17.63
C LEU B 406 2.74 30.00 16.12
N GLU B 407 1.86 29.17 15.55
CA GLU B 407 1.88 28.86 14.12
C GLU B 407 1.25 29.99 13.30
N GLY B 408 0.62 30.97 13.97
CA GLY B 408 -0.12 32.02 13.29
C GLY B 408 -1.49 31.54 12.78
N MET B 409 -2.04 30.52 13.46
CA MET B 409 -3.27 29.87 13.04
C MET B 409 -4.38 30.24 14.02
N GLU B 410 -4.91 31.46 13.88
CA GLU B 410 -5.81 32.05 14.85
C GLU B 410 -7.17 31.35 14.83
N ALA B 411 -7.65 31.01 13.62
CA ALA B 411 -8.92 30.31 13.49
C ALA B 411 -8.85 28.92 14.12
N HIS B 412 -7.70 28.25 14.00
CA HIS B 412 -7.48 26.97 14.65
C HIS B 412 -7.64 27.11 16.16
N ALA B 413 -6.97 28.11 16.73
CA ALA B 413 -6.98 28.33 18.16
C ALA B 413 -8.39 28.60 18.66
N ARG B 414 -9.22 29.22 17.80
CA ARG B 414 -10.57 29.63 18.16
C ARG B 414 -11.52 28.44 18.26
N THR B 415 -11.22 27.32 17.57
CA THR B 415 -12.03 26.13 17.73
C THR B 415 -11.76 25.53 19.11
N ALA B 416 -10.57 25.80 19.66
CA ALA B 416 -10.24 25.42 21.01
C ALA B 416 -10.90 26.37 22.01
N ASP B 417 -10.85 27.67 21.73
CA ASP B 417 -11.43 28.69 22.59
C ASP B 417 -12.91 28.41 22.81
N ASP B 418 -13.62 28.16 21.70
CA ASP B 418 -15.06 27.99 21.71
C ASP B 418 -15.45 26.83 22.60
N ARG B 419 -14.72 25.72 22.50
CA ARG B 419 -15.01 24.54 23.31
C ARG B 419 -14.73 24.82 24.78
N MET B 420 -13.66 25.58 25.06
CA MET B 420 -13.29 25.93 26.42
C MET B 420 -14.41 26.76 27.06
N ALA B 421 -14.94 27.72 26.31
CA ALA B 421 -16.04 28.56 26.78
C ALA B 421 -17.30 27.73 27.04
N LYS B 422 -17.57 26.74 26.19
CA LYS B 422 -18.80 25.97 26.29
C LYS B 422 -18.73 24.97 27.45
N TYR B 423 -17.55 24.36 27.65
CA TYR B 423 -17.41 23.27 28.60
C TYR B 423 -16.98 23.78 29.97
N PHE B 424 -16.29 24.93 30.00
CA PHE B 424 -15.67 25.46 31.21
C PHE B 424 -15.95 26.96 31.31
N PRO B 425 -17.23 27.38 31.45
CA PRO B 425 -17.65 28.76 31.21
C PRO B 425 -16.88 29.88 31.92
N ASN B 426 -16.37 29.61 33.12
CA ASN B 426 -15.70 30.66 33.89
C ASN B 426 -14.20 30.41 33.96
N ALA B 427 -13.69 29.47 33.15
CA ALA B 427 -12.28 29.18 33.14
C ALA B 427 -11.52 30.30 32.44
N SER B 428 -10.31 30.58 32.93
CA SER B 428 -9.34 31.37 32.22
C SER B 428 -8.03 30.59 32.18
N PHE B 429 -7.78 29.94 31.03
CA PHE B 429 -6.53 29.23 30.78
C PHE B 429 -5.66 30.09 29.87
N GLU B 430 -4.36 29.77 29.82
CA GLU B 430 -3.45 30.38 28.87
C GLU B 430 -3.70 29.75 27.49
N MET B 431 -4.37 30.52 26.62
CA MET B 431 -4.76 30.05 25.30
C MET B 431 -3.87 30.68 24.23
N GLY B 432 -2.86 31.46 24.67
CA GLY B 432 -1.88 32.04 23.77
C GLY B 432 -2.31 33.42 23.28
N THR B 433 -1.31 34.24 22.91
CA THR B 433 -1.54 35.60 22.46
C THR B 433 -2.21 35.55 21.09
N PRO B 434 -3.42 36.12 20.92
CA PRO B 434 -4.08 36.14 19.62
C PRO B 434 -3.18 36.71 18.52
N VAL B 435 -3.34 36.17 17.32
CA VAL B 435 -2.61 36.63 16.14
C VAL B 435 -3.17 37.98 15.75
N GLU B 436 -2.31 38.88 15.26
CA GLU B 436 -2.73 40.18 14.77
C GLU B 436 -2.43 40.29 13.27
N VAL B 437 -1.28 39.79 12.84
CA VAL B 437 -0.93 39.79 11.42
C VAL B 437 -1.98 38.99 10.64
#